data_9BFY
#
_entry.id   9BFY
#
_cell.length_a   48.240
_cell.length_b   101.780
_cell.length_c   66.810
_cell.angle_alpha   90.000
_cell.angle_beta   90.670
_cell.angle_gamma   90.000
#
_symmetry.space_group_name_H-M   'P 1 21 1'
#
loop_
_entity.id
_entity.type
_entity.pdbx_description
1 polymer 'GTPase KRas'
2 polymer 'Peptidyl-prolyl cis-trans isomerase A'
3 non-polymer 'PHOSPHOAMINOPHOSPHONIC ACID-GUANYLATE ESTER'
4 non-polymer '(3R)-N-[(2S)-1-{[(1M,8R,10R,14S,21M)-22-ethyl-4-hydroxy-21-{2-[(1R)-1-methoxyethyl]pyridin-3-yl}-18,18-dimethyl-9,15-dioxo-16-oxa-10,22,28-triazapentacyclo[18.5.2.1~2,6~.1~10,14~.0~23,27~]nonacosa-1(25),2(29),3,5,20,23,26-heptaen-8-yl]amino}-3-methyl-1-oxobutan-2-yl]-N-methyl-1-propanoylpyrrolidine-3-carboxamide (non-preferred name)'
5 non-polymer 'CHLORIDE ION'
6 non-polymer 'MAGNESIUM ION'
7 water water
#
loop_
_entity_poly.entity_id
_entity_poly.type
_entity_poly.pdbx_seq_one_letter_code
_entity_poly.pdbx_strand_id
1 'polypeptide(L)'
;SMTEYKLVVVGACGVGKSALTIQLIQNHFVDEYDPTIEDSYRKQVVIDGETSLLDILDTAGQEEYSAMRDQYMRTGEGFL
LVFAINNTKSFEDIHHYREQIKRVKDSEDVPMVLVGNKSDLPSRTVDTKQAQDLARSYGIPFIETSAKTRQGVDDAFYTL
VREIRKHKEK
;
A,B
2 'polypeptide(L)'
;SMVNPTVFFDIAVDGEPLGRVSFELFADKVPKTAENFRALSTGEKGFGYKGSSFHRIIPGFMCQGGDFTRHNGTGGKSIY
GEKFEDENFILKHTGPGILSMANAGPNTNGSQFFICTAKTEWLDGKHVVFGKVKEGMNIVEAMERFGSRNGKTSKKITIA
DCGQLE
;
C,D
#
# COMPACT_ATOMS: atom_id res chain seq x y z
N SER A 1 7.40 -42.23 11.31
CA SER A 1 7.03 -40.83 11.17
C SER A 1 8.19 -39.98 10.65
N MET A 2 8.02 -38.67 10.69
CA MET A 2 8.98 -37.71 10.15
C MET A 2 9.02 -36.52 11.09
N THR A 3 10.12 -35.77 11.02
CA THR A 3 10.24 -34.47 11.66
C THR A 3 10.80 -33.50 10.63
N GLU A 4 10.83 -32.21 10.99
CA GLU A 4 11.33 -31.15 10.14
C GLU A 4 12.04 -30.12 10.99
N TYR A 5 13.18 -29.60 10.51
CA TYR A 5 13.98 -28.64 11.26
C TYR A 5 14.38 -27.44 10.40
N LYS A 6 14.29 -26.26 10.99
CA LYS A 6 14.72 -25.01 10.38
C LYS A 6 16.14 -24.74 10.86
N LEU A 7 17.11 -25.02 10.00
CA LEU A 7 18.52 -24.78 10.28
C LEU A 7 18.95 -23.49 9.60
N VAL A 8 19.75 -22.68 10.31
CA VAL A 8 20.21 -21.40 9.80
C VAL A 8 21.74 -21.38 9.86
N VAL A 9 22.37 -21.05 8.73
CA VAL A 9 23.82 -21.00 8.64
C VAL A 9 24.25 -19.54 8.67
N VAL A 10 25.06 -19.17 9.66
CA VAL A 10 25.52 -17.80 9.86
C VAL A 10 27.03 -17.79 9.98
N GLY A 11 27.60 -16.61 9.78
CA GLY A 11 29.04 -16.44 9.82
C GLY A 11 29.49 -15.38 8.85
N ALA A 12 30.73 -14.94 9.01
CA ALA A 12 31.27 -13.83 8.25
C ALA A 12 31.31 -14.16 6.76
N CYS A 13 31.36 -13.11 5.94
CA CYS A 13 31.39 -13.34 4.50
C CYS A 13 32.63 -14.12 4.09
N GLY A 14 32.43 -15.09 3.18
CA GLY A 14 33.53 -15.80 2.59
C GLY A 14 34.00 -17.04 3.33
N VAL A 15 33.39 -17.38 4.47
CA VAL A 15 33.92 -18.48 5.27
C VAL A 15 33.53 -19.85 4.73
N GLY A 16 32.54 -19.93 3.85
CA GLY A 16 32.09 -21.17 3.27
C GLY A 16 30.71 -21.63 3.68
N LYS A 17 29.84 -20.71 4.10
CA LYS A 17 28.46 -21.08 4.45
C LYS A 17 27.75 -21.74 3.28
N SER A 18 27.83 -21.12 2.11
CA SER A 18 27.17 -21.68 0.93
C SER A 18 27.83 -22.97 0.48
N ALA A 19 29.17 -23.01 0.51
CA ALA A 19 29.86 -24.21 0.06
C ALA A 19 29.50 -25.41 0.93
N LEU A 20 29.38 -25.19 2.24
CA LEU A 20 28.99 -26.27 3.14
C LEU A 20 27.58 -26.74 2.84
N THR A 21 26.66 -25.78 2.64
CA THR A 21 25.26 -26.11 2.36
C THR A 21 25.13 -26.85 1.03
N ILE A 22 25.86 -26.39 0.01
CA ILE A 22 25.78 -27.03 -1.30
C ILE A 22 26.38 -28.42 -1.28
N GLN A 23 27.45 -28.61 -0.49
CA GLN A 23 27.98 -29.95 -0.32
C GLN A 23 26.96 -30.86 0.34
N LEU A 24 26.28 -30.38 1.38
CA LEU A 24 25.29 -31.23 2.04
C LEU A 24 24.15 -31.57 1.10
N ILE A 25 23.65 -30.57 0.36
CA ILE A 25 22.45 -30.76 -0.46
C ILE A 25 22.79 -31.45 -1.78
N GLN A 26 23.80 -30.94 -2.48
CA GLN A 26 24.03 -31.31 -3.89
C GLN A 26 25.30 -32.13 -4.10
N ASN A 27 26.11 -32.36 -3.06
CA ASN A 27 27.28 -33.24 -3.12
C ASN A 27 28.33 -32.78 -4.13
N HIS A 28 28.54 -31.48 -4.24
CA HIS A 28 29.64 -30.96 -5.06
C HIS A 28 30.16 -29.66 -4.46
N PHE A 29 31.32 -29.25 -4.96
CA PHE A 29 32.06 -28.06 -4.55
C PHE A 29 32.64 -27.38 -5.79
N VAL A 30 32.64 -26.05 -5.79
CA VAL A 30 33.32 -25.27 -6.82
C VAL A 30 34.12 -24.16 -6.16
N ASP A 31 35.25 -23.82 -6.78
CA ASP A 31 36.11 -22.76 -6.27
C ASP A 31 35.51 -21.37 -6.46
N GLU A 32 34.62 -21.21 -7.44
CA GLU A 32 34.08 -19.89 -7.76
C GLU A 32 33.17 -19.40 -6.62
N TYR A 33 33.41 -18.16 -6.20
CA TYR A 33 32.66 -17.51 -5.14
C TYR A 33 31.45 -16.80 -5.74
N ASP A 34 30.25 -17.18 -5.32
CA ASP A 34 29.01 -16.51 -5.70
C ASP A 34 28.41 -15.92 -4.44
N PRO A 35 28.67 -14.65 -4.13
CA PRO A 35 28.23 -14.09 -2.84
C PRO A 35 26.72 -14.15 -2.66
N THR A 36 26.31 -14.58 -1.49
CA THR A 36 24.89 -14.84 -1.22
C THR A 36 24.16 -13.56 -0.84
N ILE A 37 22.91 -13.46 -1.30
CA ILE A 37 21.91 -12.57 -0.73
C ILE A 37 21.11 -13.35 0.30
N GLU A 38 20.38 -14.37 -0.14
CA GLU A 38 19.67 -15.28 0.75
C GLU A 38 19.23 -16.48 -0.07
N ASP A 39 19.47 -17.70 0.40
CA ASP A 39 18.99 -18.89 -0.29
C ASP A 39 18.44 -19.88 0.71
N SER A 40 17.46 -20.66 0.26
CA SER A 40 16.84 -21.67 1.10
C SER A 40 16.86 -23.01 0.37
N TYR A 41 17.12 -24.09 1.09
CA TYR A 41 17.17 -25.43 0.53
C TYR A 41 16.32 -26.36 1.40
N ARG A 42 15.79 -27.42 0.79
CA ARG A 42 15.00 -28.43 1.49
C ARG A 42 15.50 -29.79 1.07
N LYS A 43 15.74 -30.69 2.02
CA LYS A 43 16.19 -32.04 1.67
C LYS A 43 15.74 -33.03 2.72
N GLN A 44 15.23 -34.18 2.28
CA GLN A 44 14.87 -35.26 3.18
CA GLN A 44 14.87 -35.26 3.19
C GLN A 44 16.11 -36.11 3.45
N VAL A 45 16.39 -36.35 4.73
CA VAL A 45 17.56 -37.11 5.16
C VAL A 45 17.13 -38.12 6.22
N VAL A 46 18.02 -39.07 6.50
CA VAL A 46 17.85 -40.00 7.61
C VAL A 46 19.04 -39.84 8.54
N ILE A 47 18.78 -39.51 9.80
CA ILE A 47 19.82 -39.27 10.79
C ILE A 47 19.52 -40.18 11.96
N ASP A 48 20.48 -41.05 12.30
CA ASP A 48 20.28 -42.02 13.40
C ASP A 48 18.99 -42.81 13.22
N GLY A 49 18.68 -43.18 11.98
CA GLY A 49 17.48 -43.95 11.70
C GLY A 49 16.19 -43.17 11.65
N GLU A 50 16.22 -41.86 11.89
CA GLU A 50 15.00 -41.05 11.96
C GLU A 50 14.96 -40.14 10.75
N THR A 51 13.87 -40.21 9.98
CA THR A 51 13.75 -39.40 8.77
C THR A 51 13.34 -37.98 9.11
N SER A 52 13.98 -37.01 8.45
CA SER A 52 13.68 -35.60 8.70
C SER A 52 13.79 -34.79 7.41
N LEU A 53 12.96 -33.75 7.32
CA LEU A 53 13.13 -32.72 6.31
C LEU A 53 14.00 -31.62 6.91
N LEU A 54 15.13 -31.35 6.28
CA LEU A 54 15.99 -30.24 6.66
C LEU A 54 15.66 -29.04 5.80
N ASP A 55 15.28 -27.94 6.44
CA ASP A 55 15.11 -26.67 5.76
C ASP A 55 16.32 -25.84 6.14
N ILE A 56 17.11 -25.47 5.16
CA ILE A 56 18.38 -24.79 5.44
C ILE A 56 18.31 -23.40 4.86
N LEU A 57 18.43 -22.42 5.74
CA LEU A 57 18.51 -21.02 5.34
C LEU A 57 19.99 -20.64 5.30
N ASP A 58 20.48 -20.34 4.10
CA ASP A 58 21.86 -19.93 3.87
C ASP A 58 21.88 -18.40 3.82
N THR A 59 22.39 -17.79 4.87
CA THR A 59 22.38 -16.33 4.99
C THR A 59 23.66 -15.74 4.41
N ALA A 60 23.58 -14.44 4.11
CA ALA A 60 24.76 -13.68 3.72
C ALA A 60 25.58 -13.27 4.94
N GLY A 61 26.90 -13.27 4.79
CA GLY A 61 27.73 -12.66 5.83
C GLY A 61 27.75 -11.16 5.68
N GLN A 62 26.89 -10.46 6.42
CA GLN A 62 26.77 -9.01 6.34
C GLN A 62 26.29 -8.51 7.69
N GLU A 63 26.60 -7.24 7.97
CA GLU A 63 26.33 -6.64 9.28
C GLU A 63 25.54 -5.35 9.15
N GLU A 64 24.76 -5.21 8.07
CA GLU A 64 24.03 -3.99 7.80
C GLU A 64 22.52 -4.12 7.96
N TYR A 65 21.96 -5.32 7.95
CA TYR A 65 20.51 -5.51 7.92
C TYR A 65 20.11 -6.28 9.16
N SER A 66 19.96 -5.54 10.27
CA SER A 66 19.72 -6.16 11.57
C SER A 66 18.30 -6.66 11.73
N ALA A 67 17.32 -6.01 11.12
CA ALA A 67 15.95 -6.50 11.24
C ALA A 67 15.79 -7.85 10.59
N MET A 68 16.37 -8.03 9.39
CA MET A 68 16.33 -9.32 8.71
CA MET A 68 16.30 -9.33 8.74
C MET A 68 17.10 -10.36 9.50
N ARG A 69 18.31 -10.00 9.94
CA ARG A 69 19.12 -10.89 10.76
C ARG A 69 18.33 -11.39 11.96
N ASP A 70 17.67 -10.48 12.66
CA ASP A 70 16.96 -10.86 13.85
C ASP A 70 15.81 -11.82 13.53
N GLN A 71 15.13 -11.60 12.40
CA GLN A 71 14.06 -12.52 12.03
C GLN A 71 14.59 -13.90 11.70
N TYR A 72 15.75 -13.98 11.04
CA TYR A 72 16.35 -15.29 10.80
C TYR A 72 16.59 -16.01 12.11
N MET A 73 17.02 -15.27 13.13
CA MET A 73 17.30 -15.87 14.43
C MET A 73 16.04 -16.19 15.20
N ARG A 74 14.98 -15.41 15.02
CA ARG A 74 13.72 -15.69 15.70
C ARG A 74 13.14 -17.03 15.26
N THR A 75 13.16 -17.31 13.95
CA THR A 75 12.54 -18.46 13.32
CA THR A 75 12.50 -18.53 13.54
C THR A 75 13.44 -19.70 13.37
N GLY A 76 14.76 -19.52 13.35
CA GLY A 76 15.65 -20.65 13.28
C GLY A 76 15.54 -21.52 14.51
N GLU A 77 15.56 -22.83 14.31
CA GLU A 77 15.57 -23.76 15.44
C GLU A 77 16.98 -24.12 15.88
N GLY A 78 17.95 -24.04 14.98
CA GLY A 78 19.34 -24.29 15.33
C GLY A 78 20.23 -23.58 14.35
N PHE A 79 21.45 -23.28 14.81
CA PHE A 79 22.37 -22.43 14.06
C PHE A 79 23.74 -23.08 13.90
N LEU A 80 24.25 -23.08 12.67
CA LEU A 80 25.66 -23.33 12.43
C LEU A 80 26.40 -22.00 12.47
N LEU A 81 27.33 -21.85 13.40
CA LEU A 81 28.17 -20.65 13.50
C LEU A 81 29.48 -20.98 12.80
N VAL A 82 29.66 -20.44 11.60
CA VAL A 82 30.78 -20.85 10.76
C VAL A 82 31.86 -19.79 10.76
N PHE A 83 33.11 -20.20 11.01
CA PHE A 83 34.27 -19.37 10.69
C PHE A 83 35.19 -20.16 9.78
N ALA A 84 36.18 -19.50 9.20
CA ALA A 84 37.21 -20.18 8.42
C ALA A 84 38.51 -20.19 9.19
N ILE A 85 39.22 -21.34 9.14
CA ILE A 85 40.42 -21.51 9.96
C ILE A 85 41.56 -20.61 9.53
N ASN A 86 41.45 -19.99 8.35
CA ASN A 86 42.46 -19.05 7.84
C ASN A 86 41.92 -17.63 7.81
N ASN A 87 40.93 -17.31 8.66
CA ASN A 87 40.29 -15.99 8.68
C ASN A 87 40.10 -15.66 10.17
N THR A 88 41.07 -14.96 10.75
CA THR A 88 41.01 -14.68 12.18
C THR A 88 39.82 -13.81 12.53
N LYS A 89 39.53 -12.81 11.70
CA LYS A 89 38.38 -11.95 11.98
C LYS A 89 37.09 -12.78 12.05
N SER A 90 36.95 -13.75 11.15
CA SER A 90 35.73 -14.57 11.19
C SER A 90 35.58 -15.32 12.52
N PHE A 91 36.71 -15.74 13.11
CA PHE A 91 36.64 -16.38 14.43
C PHE A 91 36.29 -15.36 15.51
N GLU A 92 36.89 -14.17 15.43
CA GLU A 92 36.55 -13.09 16.37
C GLU A 92 35.09 -12.68 16.29
N ASP A 93 34.45 -12.89 15.16
CA ASP A 93 33.03 -12.57 15.04
C ASP A 93 32.12 -13.55 15.74
N ILE A 94 32.60 -14.76 16.04
CA ILE A 94 31.72 -15.84 16.50
C ILE A 94 30.94 -15.42 17.74
N HIS A 95 31.62 -14.79 18.72
CA HIS A 95 30.91 -14.41 19.93
C HIS A 95 29.80 -13.41 19.65
N HIS A 96 29.96 -12.56 18.63
CA HIS A 96 28.88 -11.64 18.27
C HIS A 96 27.65 -12.40 17.79
N TYR A 97 27.84 -13.41 16.96
CA TYR A 97 26.71 -14.22 16.50
C TYR A 97 25.98 -14.87 17.67
N ARG A 98 26.73 -15.45 18.61
CA ARG A 98 26.08 -16.09 19.74
C ARG A 98 25.33 -15.07 20.59
N GLU A 99 25.94 -13.91 20.85
CA GLU A 99 25.26 -12.87 21.62
C GLU A 99 23.97 -12.44 20.94
N GLN A 100 24.00 -12.30 19.62
CA GLN A 100 22.82 -11.88 18.88
C GLN A 100 21.72 -12.92 18.96
N ILE A 101 22.06 -14.20 18.83
CA ILE A 101 21.07 -15.26 18.93
C ILE A 101 20.43 -15.28 20.32
N LYS A 102 21.26 -15.18 21.37
CA LYS A 102 20.73 -15.18 22.74
C LYS A 102 19.82 -13.98 22.97
N ARG A 103 20.18 -12.83 22.40
CA ARG A 103 19.38 -11.62 22.53
C ARG A 103 17.99 -11.81 21.91
N VAL A 104 17.96 -12.33 20.68
CA VAL A 104 16.70 -12.50 19.96
C VAL A 104 15.84 -13.57 20.59
N LYS A 105 16.44 -14.70 20.95
CA LYS A 105 15.74 -15.80 21.57
C LYS A 105 15.46 -15.55 23.05
N ASP A 106 16.09 -14.54 23.67
CA ASP A 106 15.95 -14.27 25.10
C ASP A 106 16.23 -15.53 25.92
N SER A 107 17.34 -16.19 25.60
CA SER A 107 17.65 -17.48 26.19
C SER A 107 19.14 -17.73 26.14
N GLU A 108 19.62 -18.48 27.13
CA GLU A 108 20.99 -18.97 27.16
C GLU A 108 21.14 -20.36 26.58
N ASP A 109 20.04 -21.01 26.20
CA ASP A 109 20.04 -22.41 25.76
C ASP A 109 19.39 -22.47 24.38
N VAL A 110 20.21 -22.32 23.33
CA VAL A 110 19.72 -22.34 21.96
C VAL A 110 20.59 -23.32 21.18
N PRO A 111 20.00 -24.26 20.44
CA PRO A 111 20.83 -25.22 19.68
C PRO A 111 21.75 -24.54 18.68
N MET A 112 23.05 -24.85 18.80
CA MET A 112 24.01 -24.32 17.86
C MET A 112 25.28 -25.15 17.89
N VAL A 113 26.01 -25.08 16.78
CA VAL A 113 27.25 -25.82 16.60
C VAL A 113 28.28 -24.86 16.03
N LEU A 114 29.49 -24.87 16.57
CA LEU A 114 30.57 -24.06 16.04
C LEU A 114 31.31 -24.88 14.97
N VAL A 115 31.51 -24.26 13.80
CA VAL A 115 32.09 -24.94 12.65
C VAL A 115 33.33 -24.18 12.23
N GLY A 116 34.48 -24.87 12.22
CA GLY A 116 35.71 -24.31 11.67
C GLY A 116 35.96 -24.88 10.29
N ASN A 117 35.65 -24.09 9.27
CA ASN A 117 35.67 -24.55 7.89
C ASN A 117 37.00 -24.21 7.20
N LYS A 118 37.20 -24.81 6.02
CA LYS A 118 38.41 -24.72 5.22
C LYS A 118 39.58 -25.45 5.86
N SER A 119 39.28 -26.56 6.56
CA SER A 119 40.31 -27.31 7.27
CA SER A 119 40.32 -27.32 7.27
C SER A 119 41.34 -27.93 6.32
N ASP A 120 41.05 -27.97 5.02
CA ASP A 120 42.00 -28.46 4.05
C ASP A 120 43.15 -27.50 3.77
N LEU A 121 43.05 -26.26 4.21
CA LEU A 121 44.01 -25.29 3.71
C LEU A 121 45.22 -25.16 4.64
N PRO A 122 46.42 -25.01 4.07
CA PRO A 122 47.63 -24.92 4.89
C PRO A 122 47.97 -23.50 5.29
N SER A 123 46.97 -22.64 5.38
CA SER A 123 47.17 -21.25 5.73
C SER A 123 46.48 -20.90 7.05
N ARG A 124 46.37 -21.89 7.94
CA ARG A 124 45.67 -21.71 9.21
C ARG A 124 46.19 -20.50 9.98
N THR A 125 45.25 -19.73 10.53
CA THR A 125 45.54 -18.65 11.48
C THR A 125 44.82 -18.82 12.81
N VAL A 126 43.82 -19.70 12.90
CA VAL A 126 43.07 -19.94 14.12
C VAL A 126 43.40 -21.35 14.60
N ASP A 127 43.93 -21.46 15.82
CA ASP A 127 44.27 -22.77 16.35
C ASP A 127 43.01 -23.55 16.73
N THR A 128 43.02 -24.83 16.41
CA THR A 128 41.96 -25.75 16.81
C THR A 128 41.65 -25.65 18.30
N LYS A 129 42.69 -25.59 19.15
CA LYS A 129 42.46 -25.53 20.59
C LYS A 129 41.65 -24.29 20.99
N GLN A 130 41.90 -23.15 20.34
N GLN A 130 41.94 -23.14 20.36
CA GLN A 130 41.17 -21.93 20.67
CA GLN A 130 41.18 -21.92 20.63
C GLN A 130 39.69 -22.09 20.35
C GLN A 130 39.69 -22.15 20.38
N ALA A 131 39.37 -22.76 19.23
CA ALA A 131 37.99 -22.99 18.88
C ALA A 131 37.34 -24.04 19.79
N GLN A 132 38.08 -25.10 20.12
CA GLN A 132 37.58 -26.08 21.08
C GLN A 132 37.26 -25.44 22.42
N ASP A 133 38.18 -24.60 22.92
CA ASP A 133 37.97 -23.97 24.22
C ASP A 133 36.76 -23.05 24.20
N LEU A 134 36.58 -22.29 23.11
CA LEU A 134 35.44 -21.39 23.02
C LEU A 134 34.13 -22.17 23.00
N ALA A 135 34.06 -23.22 22.17
CA ALA A 135 32.85 -24.03 22.14
C ALA A 135 32.58 -24.66 23.49
N ARG A 136 33.62 -25.15 24.17
CA ARG A 136 33.41 -25.73 25.49
C ARG A 136 32.86 -24.68 26.46
N SER A 137 33.34 -23.43 26.36
CA SER A 137 32.85 -22.39 27.25
C SER A 137 31.38 -22.09 27.00
N TYR A 138 30.92 -22.28 25.78
CA TYR A 138 29.51 -22.09 25.42
C TYR A 138 28.66 -23.32 25.70
N GLY A 139 29.29 -24.45 25.97
CA GLY A 139 28.57 -25.71 26.08
C GLY A 139 28.02 -26.25 24.77
N ILE A 140 28.67 -25.97 23.64
CA ILE A 140 28.15 -26.37 22.33
C ILE A 140 29.19 -27.23 21.63
N PRO A 141 28.76 -28.05 20.66
CA PRO A 141 29.72 -28.84 19.88
C PRO A 141 30.57 -27.97 18.96
N PHE A 142 31.76 -28.47 18.67
CA PHE A 142 32.68 -27.89 17.69
C PHE A 142 33.09 -28.95 16.69
N ILE A 143 33.08 -28.60 15.42
CA ILE A 143 33.55 -29.51 14.38
C ILE A 143 34.33 -28.74 13.34
N GLU A 144 35.46 -29.33 12.91
CA GLU A 144 36.19 -28.75 11.78
CA GLU A 144 36.23 -28.80 11.79
C GLU A 144 35.74 -29.44 10.50
N THR A 145 35.52 -28.62 9.47
CA THR A 145 34.99 -29.11 8.20
C THR A 145 35.86 -28.62 7.05
N SER A 146 35.72 -29.29 5.91
CA SER A 146 36.13 -28.74 4.63
C SER A 146 35.03 -29.00 3.61
N ALA A 147 34.44 -27.93 3.08
CA ALA A 147 33.52 -28.08 1.97
C ALA A 147 34.21 -28.62 0.73
N LYS A 148 35.52 -28.44 0.62
CA LYS A 148 36.24 -28.91 -0.56
C LYS A 148 36.40 -30.43 -0.56
N THR A 149 36.86 -31.00 0.54
CA THR A 149 37.06 -32.44 0.62
C THR A 149 35.84 -33.18 1.15
N ARG A 150 34.84 -32.43 1.63
CA ARG A 150 33.63 -32.90 2.29
C ARG A 150 33.87 -33.40 3.71
N GLN A 151 35.09 -33.33 4.24
CA GLN A 151 35.34 -33.72 5.63
C GLN A 151 34.42 -32.96 6.58
N GLY A 152 33.71 -33.73 7.41
CA GLY A 152 32.90 -33.15 8.47
C GLY A 152 31.61 -32.50 8.07
N VAL A 153 31.27 -32.47 6.78
CA VAL A 153 30.06 -31.73 6.35
C VAL A 153 28.79 -32.36 6.92
N ASP A 154 28.58 -33.66 6.65
CA ASP A 154 27.41 -34.32 7.21
C ASP A 154 27.41 -34.25 8.72
N ASP A 155 28.59 -34.43 9.33
CA ASP A 155 28.68 -34.44 10.79
C ASP A 155 28.29 -33.11 11.37
N ALA A 156 28.63 -32.00 10.70
CA ALA A 156 28.29 -30.68 11.24
C ALA A 156 26.78 -30.49 11.27
N PHE A 157 26.11 -30.75 10.15
CA PHE A 157 24.66 -30.60 10.08
C PHE A 157 23.93 -31.62 10.96
N TYR A 158 24.39 -32.87 10.96
CA TYR A 158 23.71 -33.89 11.76
C TYR A 158 23.88 -33.61 13.24
N THR A 159 25.06 -33.10 13.64
CA THR A 159 25.26 -32.73 15.04
C THR A 159 24.29 -31.63 15.45
N LEU A 160 24.09 -30.65 14.58
CA LEU A 160 23.11 -29.62 14.89
C LEU A 160 21.71 -30.21 15.02
N VAL A 161 21.31 -31.10 14.11
CA VAL A 161 20.01 -31.76 14.23
C VAL A 161 19.89 -32.47 15.58
N ARG A 162 20.94 -33.17 16.01
CA ARG A 162 20.89 -33.86 17.30
C ARG A 162 20.74 -32.86 18.44
N GLU A 163 21.37 -31.70 18.33
CA GLU A 163 21.20 -30.67 19.36
C GLU A 163 19.75 -30.19 19.44
N ILE A 164 19.10 -30.04 18.27
CA ILE A 164 17.69 -29.62 18.26
C ILE A 164 16.79 -30.72 18.82
N ARG A 165 17.00 -31.96 18.36
CA ARG A 165 16.19 -33.07 18.82
C ARG A 165 16.22 -33.18 20.33
N LYS A 166 17.42 -33.09 20.91
CA LYS A 166 17.56 -33.15 22.35
C LYS A 166 16.80 -32.02 23.04
N HIS A 167 16.94 -30.80 22.52
CA HIS A 167 16.27 -29.65 23.11
C HIS A 167 14.76 -29.83 23.10
N LYS A 168 14.21 -30.34 21.98
CA LYS A 168 12.76 -30.49 21.85
C LYS A 168 12.22 -31.55 22.80
N GLU A 169 12.92 -32.67 22.97
CA GLU A 169 12.34 -33.82 23.67
C GLU A 169 12.70 -33.88 25.15
N LYS A 170 13.55 -32.98 25.63
CA LYS A 170 14.11 -33.10 26.97
C LYS A 170 13.02 -32.96 28.05
N SER B 1 -51.85 13.10 -27.96
CA SER B 1 -50.98 12.02 -27.54
C SER B 1 -50.20 12.43 -26.30
N MET B 2 -49.11 11.74 -26.04
CA MET B 2 -48.29 11.97 -24.85
C MET B 2 -46.85 11.69 -25.20
N THR B 3 -45.94 12.31 -24.46
CA THR B 3 -44.50 12.02 -24.52
CA THR B 3 -44.53 11.95 -24.52
C THR B 3 -44.01 11.80 -23.10
N GLU B 4 -42.78 11.33 -22.97
CA GLU B 4 -42.18 11.08 -21.66
C GLU B 4 -40.73 11.50 -21.71
N TYR B 5 -40.22 12.03 -20.60
CA TYR B 5 -38.84 12.54 -20.54
C TYR B 5 -38.15 12.07 -19.28
N LYS B 6 -36.90 11.64 -19.45
CA LYS B 6 -36.05 11.24 -18.33
C LYS B 6 -35.18 12.43 -17.93
N LEU B 7 -35.54 13.08 -16.82
CA LEU B 7 -34.85 14.24 -16.29
C LEU B 7 -33.99 13.83 -15.11
N VAL B 8 -32.76 14.35 -15.04
CA VAL B 8 -31.83 14.01 -13.98
C VAL B 8 -31.40 15.31 -13.29
N VAL B 9 -31.49 15.34 -11.96
CA VAL B 9 -31.10 16.51 -11.18
C VAL B 9 -29.72 16.24 -10.58
N VAL B 10 -28.75 17.07 -10.93
CA VAL B 10 -27.37 16.93 -10.46
C VAL B 10 -26.86 18.22 -9.84
N GLY B 11 -25.79 18.09 -9.06
CA GLY B 11 -25.18 19.22 -8.41
C GLY B 11 -24.62 18.87 -7.03
N ALA B 12 -23.86 19.79 -6.45
CA ALA B 12 -23.17 19.54 -5.20
C ALA B 12 -24.15 19.24 -4.06
N CYS B 13 -23.63 18.55 -3.04
CA CYS B 13 -24.47 18.22 -1.90
C CYS B 13 -24.99 19.49 -1.22
N GLY B 14 -26.26 19.46 -0.84
CA GLY B 14 -26.87 20.50 -0.05
C GLY B 14 -27.42 21.67 -0.83
N VAL B 15 -27.37 21.64 -2.17
CA VAL B 15 -27.76 22.82 -2.94
C VAL B 15 -29.27 22.95 -3.08
N GLY B 16 -30.03 21.89 -2.84
CA GLY B 16 -31.48 21.89 -2.93
C GLY B 16 -32.05 21.05 -4.06
N LYS B 17 -31.32 20.05 -4.56
CA LYS B 17 -31.85 19.18 -5.60
C LYS B 17 -33.14 18.51 -5.16
N SER B 18 -33.12 17.91 -3.98
CA SER B 18 -34.31 17.23 -3.48
C SER B 18 -35.42 18.21 -3.17
N ALA B 19 -35.09 19.34 -2.55
CA ALA B 19 -36.15 20.29 -2.19
C ALA B 19 -36.86 20.80 -3.45
N LEU B 20 -36.11 21.04 -4.53
CA LEU B 20 -36.71 21.42 -5.80
C LEU B 20 -37.62 20.31 -6.33
N THR B 21 -37.15 19.07 -6.33
CA THR B 21 -37.92 17.95 -6.84
C THR B 21 -39.18 17.74 -6.00
N ILE B 22 -39.06 17.80 -4.68
CA ILE B 22 -40.19 17.60 -3.80
C ILE B 22 -41.22 18.71 -3.94
N GLN B 23 -40.77 19.94 -4.20
CA GLN B 23 -41.74 21.00 -4.51
C GLN B 23 -42.51 20.67 -5.77
N LEU B 24 -41.82 20.20 -6.82
CA LEU B 24 -42.49 19.84 -8.06
C LEU B 24 -43.48 18.71 -7.84
N ILE B 25 -43.07 17.67 -7.12
CA ILE B 25 -43.87 16.46 -7.00
C ILE B 25 -44.95 16.61 -5.93
N GLN B 26 -44.58 17.14 -4.75
CA GLN B 26 -45.44 17.09 -3.58
C GLN B 26 -45.91 18.46 -3.09
N ASN B 27 -45.46 19.56 -3.72
CA ASN B 27 -45.94 20.90 -3.41
CA ASN B 27 -45.93 20.90 -3.41
C ASN B 27 -45.76 21.27 -1.93
N HIS B 28 -44.59 20.96 -1.39
CA HIS B 28 -44.24 21.39 -0.04
C HIS B 28 -42.72 21.46 0.11
N PHE B 29 -42.29 22.17 1.15
CA PHE B 29 -40.89 22.38 1.49
C PHE B 29 -40.71 22.20 2.99
N VAL B 30 -39.59 21.58 3.40
CA VAL B 30 -39.22 21.49 4.80
C VAL B 30 -37.76 21.90 4.97
N ASP B 31 -37.47 22.50 6.12
CA ASP B 31 -36.12 22.95 6.43
C ASP B 31 -35.18 21.79 6.74
N GLU B 32 -35.70 20.66 7.21
CA GLU B 32 -34.84 19.55 7.57
C GLU B 32 -34.14 18.96 6.35
N TYR B 33 -32.84 18.72 6.47
CA TYR B 33 -32.03 18.14 5.41
C TYR B 33 -32.02 16.64 5.58
N ASP B 34 -32.47 15.92 4.55
CA ASP B 34 -32.45 14.46 4.52
C ASP B 34 -31.56 14.10 3.34
N PRO B 35 -30.25 13.87 3.57
CA PRO B 35 -29.32 13.63 2.45
C PRO B 35 -29.71 12.44 1.59
N THR B 36 -29.66 12.63 0.29
CA THR B 36 -30.13 11.64 -0.67
C THR B 36 -29.11 10.54 -0.89
N ILE B 37 -29.61 9.31 -1.03
CA ILE B 37 -28.90 8.21 -1.69
C ILE B 37 -29.33 8.23 -3.15
N GLU B 38 -30.61 7.94 -3.42
CA GLU B 38 -31.16 8.05 -4.77
C GLU B 38 -32.67 7.94 -4.65
N ASP B 39 -33.39 8.80 -5.38
CA ASP B 39 -34.85 8.70 -5.42
C ASP B 39 -35.34 9.03 -6.81
N SER B 40 -36.48 8.44 -7.17
CA SER B 40 -37.08 8.61 -8.50
C SER B 40 -38.55 8.94 -8.33
N TYR B 41 -39.05 9.84 -9.20
CA TYR B 41 -40.43 10.32 -9.14
C TYR B 41 -41.03 10.36 -10.54
N ARG B 42 -42.36 10.34 -10.60
CA ARG B 42 -43.08 10.42 -11.86
C ARG B 42 -44.22 11.40 -11.69
N LYS B 43 -44.44 12.26 -12.70
CA LYS B 43 -45.52 13.22 -12.65
C LYS B 43 -46.00 13.51 -14.07
N GLN B 44 -47.32 13.57 -14.25
CA GLN B 44 -47.90 13.93 -15.53
C GLN B 44 -48.15 15.44 -15.53
N VAL B 45 -47.72 16.12 -16.59
CA VAL B 45 -47.79 17.58 -16.69
C VAL B 45 -48.23 17.95 -18.10
N VAL B 46 -48.63 19.21 -18.26
CA VAL B 46 -48.90 19.79 -19.58
C VAL B 46 -47.95 20.98 -19.72
N ILE B 47 -47.13 20.94 -20.76
CA ILE B 47 -46.14 21.99 -21.04
C ILE B 47 -46.33 22.44 -22.47
N ASP B 48 -46.57 23.74 -22.67
CA ASP B 48 -46.82 24.28 -24.02
C ASP B 48 -47.91 23.49 -24.74
N GLY B 49 -48.97 23.15 -24.00
CA GLY B 49 -50.11 22.45 -24.56
C GLY B 49 -49.91 20.96 -24.79
N GLU B 50 -48.73 20.43 -24.49
CA GLU B 50 -48.39 19.03 -24.80
C GLU B 50 -48.27 18.26 -23.49
N THR B 51 -49.05 17.19 -23.37
CA THR B 51 -49.04 16.36 -22.16
C THR B 51 -47.80 15.47 -22.14
N SER B 52 -47.14 15.41 -21.00
CA SER B 52 -45.95 14.60 -20.85
C SER B 52 -45.88 13.95 -19.48
N LEU B 53 -45.20 12.81 -19.43
CA LEU B 53 -44.83 12.16 -18.18
C LEU B 53 -43.38 12.51 -17.90
N LEU B 54 -43.12 13.12 -16.76
CA LEU B 54 -41.76 13.41 -16.33
C LEU B 54 -41.28 12.31 -15.41
N ASP B 55 -40.16 11.69 -15.77
CA ASP B 55 -39.47 10.76 -14.89
C ASP B 55 -38.29 11.52 -14.33
N ILE B 56 -38.28 11.77 -13.02
CA ILE B 56 -37.24 12.59 -12.42
C ILE B 56 -36.36 11.73 -11.54
N LEU B 57 -35.06 11.72 -11.84
CA LEU B 57 -34.08 11.04 -11.00
C LEU B 57 -33.37 12.08 -10.15
N ASP B 58 -33.53 11.98 -8.84
CA ASP B 58 -32.92 12.89 -7.88
C ASP B 58 -31.64 12.22 -7.37
N THR B 59 -30.49 12.72 -7.80
CA THR B 59 -29.22 12.09 -7.46
C THR B 59 -28.63 12.70 -6.19
N ALA B 60 -27.74 11.95 -5.56
CA ALA B 60 -26.99 12.48 -4.44
C ALA B 60 -25.85 13.36 -4.95
N GLY B 61 -25.56 14.45 -4.22
CA GLY B 61 -24.39 15.25 -4.52
C GLY B 61 -23.14 14.56 -3.97
N GLN B 62 -22.54 13.68 -4.77
CA GLN B 62 -21.34 12.98 -4.36
C GLN B 62 -20.53 12.66 -5.60
N GLU B 63 -19.24 12.46 -5.39
CA GLU B 63 -18.24 12.34 -6.46
C GLU B 63 -17.48 11.01 -6.37
N GLU B 64 -18.12 9.97 -5.89
CA GLU B 64 -17.66 8.60 -6.02
C GLU B 64 -18.71 7.83 -6.85
N TYR B 65 -18.52 6.53 -6.97
CA TYR B 65 -19.49 5.69 -7.66
C TYR B 65 -19.67 6.18 -9.10
N SER B 66 -18.54 6.33 -9.79
CA SER B 66 -18.57 6.85 -11.15
C SER B 66 -19.31 5.93 -12.09
N ALA B 67 -19.28 4.62 -11.84
CA ALA B 67 -20.03 3.70 -12.68
C ALA B 67 -21.53 4.03 -12.61
N MET B 68 -22.04 4.29 -11.41
CA MET B 68 -23.45 4.63 -11.28
C MET B 68 -23.73 6.00 -11.88
N ARG B 69 -22.89 6.99 -11.57
CA ARG B 69 -23.06 8.33 -12.14
C ARG B 69 -23.07 8.27 -13.67
N ASP B 70 -22.16 7.49 -14.25
CA ASP B 70 -22.10 7.42 -15.71
C ASP B 70 -23.38 6.83 -16.27
N GLN B 71 -23.95 5.81 -15.60
CA GLN B 71 -25.20 5.25 -16.10
C GLN B 71 -26.36 6.24 -15.96
N TYR B 72 -26.40 7.02 -14.87
CA TYR B 72 -27.39 8.10 -14.77
C TYR B 72 -27.30 9.01 -15.98
N MET B 73 -26.09 9.35 -16.40
CA MET B 73 -25.92 10.29 -17.48
C MET B 73 -26.24 9.67 -18.84
N ARG B 74 -25.91 8.39 -19.03
CA ARG B 74 -26.26 7.74 -20.28
C ARG B 74 -27.77 7.64 -20.45
N THR B 75 -28.48 7.31 -19.38
CA THR B 75 -29.93 7.11 -19.45
C THR B 75 -30.68 8.44 -19.52
N GLY B 76 -30.18 9.47 -18.84
CA GLY B 76 -30.91 10.72 -18.77
C GLY B 76 -30.97 11.43 -20.12
N GLU B 77 -32.10 12.09 -20.38
CA GLU B 77 -32.26 12.88 -21.59
C GLU B 77 -31.96 14.35 -21.38
N GLY B 78 -32.14 14.84 -20.17
CA GLY B 78 -31.83 16.23 -19.85
C GLY B 78 -31.45 16.37 -18.39
N PHE B 79 -30.67 17.40 -18.09
CA PHE B 79 -30.04 17.57 -16.79
C PHE B 79 -30.28 18.96 -16.23
N LEU B 80 -30.74 19.02 -14.98
CA LEU B 80 -30.67 20.25 -14.21
C LEU B 80 -29.33 20.31 -13.49
N LEU B 81 -28.58 21.37 -13.73
CA LEU B 81 -27.29 21.59 -13.06
C LEU B 81 -27.57 22.61 -11.96
N VAL B 82 -27.65 22.14 -10.73
CA VAL B 82 -28.11 22.96 -9.60
C VAL B 82 -26.92 23.43 -8.78
N PHE B 83 -26.85 24.74 -8.51
CA PHE B 83 -25.96 25.27 -7.48
C PHE B 83 -26.82 26.11 -6.54
N ALA B 84 -26.23 26.51 -5.41
CA ALA B 84 -26.90 27.40 -4.47
C ALA B 84 -26.20 28.75 -4.49
N ILE B 85 -27.00 29.81 -4.43
CA ILE B 85 -26.46 31.17 -4.60
C ILE B 85 -25.61 31.61 -3.43
N ASN B 86 -25.63 30.87 -2.32
CA ASN B 86 -24.80 31.15 -1.17
C ASN B 86 -23.72 30.10 -0.97
N ASN B 87 -23.35 29.37 -2.03
CA ASN B 87 -22.37 28.29 -1.98
C ASN B 87 -21.47 28.41 -3.22
N THR B 88 -20.36 29.13 -3.08
CA THR B 88 -19.48 29.37 -4.23
C THR B 88 -18.89 28.07 -4.77
N LYS B 89 -18.50 27.15 -3.90
CA LYS B 89 -17.95 25.88 -4.38
C LYS B 89 -18.96 25.18 -5.28
N SER B 90 -20.25 25.21 -4.92
CA SER B 90 -21.26 24.55 -5.74
C SER B 90 -21.35 25.18 -7.13
N PHE B 91 -21.13 26.49 -7.23
CA PHE B 91 -21.09 27.12 -8.55
C PHE B 91 -19.84 26.70 -9.31
N GLU B 92 -18.69 26.70 -8.64
CA GLU B 92 -17.45 26.26 -9.28
C GLU B 92 -17.48 24.81 -9.71
N ASP B 93 -18.35 23.99 -9.11
CA ASP B 93 -18.48 22.60 -9.55
C ASP B 93 -19.24 22.46 -10.86
N ILE B 94 -20.00 23.47 -11.26
CA ILE B 94 -20.93 23.29 -12.38
C ILE B 94 -20.20 22.77 -13.62
N HIS B 95 -19.06 23.39 -13.96
CA HIS B 95 -18.40 23.01 -15.21
C HIS B 95 -17.98 21.55 -15.21
N HIS B 96 -17.63 21.00 -14.05
CA HIS B 96 -17.31 19.57 -13.97
C HIS B 96 -18.51 18.72 -14.36
N TYR B 97 -19.71 19.06 -13.87
CA TYR B 97 -20.89 18.28 -14.24
C TYR B 97 -21.13 18.33 -15.74
N ARG B 98 -21.00 19.51 -16.34
CA ARG B 98 -21.21 19.61 -17.78
C ARG B 98 -20.19 18.79 -18.54
N GLU B 99 -18.92 18.87 -18.14
CA GLU B 99 -17.87 18.09 -18.80
C GLU B 99 -18.15 16.59 -18.70
N GLN B 100 -18.57 16.13 -17.53
CA GLN B 100 -18.86 14.71 -17.34
C GLN B 100 -20.00 14.26 -18.23
N ILE B 101 -21.07 15.05 -18.30
CA ILE B 101 -22.23 14.67 -19.10
C ILE B 101 -21.86 14.58 -20.57
N LYS B 102 -21.12 15.58 -21.07
CA LYS B 102 -20.68 15.58 -22.46
C LYS B 102 -19.79 14.38 -22.76
N ARG B 103 -18.90 14.04 -21.81
CA ARG B 103 -17.98 12.92 -22.03
C ARG B 103 -18.75 11.60 -22.07
N VAL B 104 -19.64 11.40 -21.10
CA VAL B 104 -20.35 10.12 -21.00
C VAL B 104 -21.28 9.93 -22.19
N LYS B 105 -21.93 11.00 -22.63
CA LYS B 105 -22.89 10.95 -23.72
C LYS B 105 -22.24 11.20 -25.07
N ASP B 106 -20.92 11.43 -25.09
CA ASP B 106 -20.17 11.61 -26.34
C ASP B 106 -20.81 12.66 -27.23
N SER B 107 -21.07 13.84 -26.64
CA SER B 107 -21.77 14.87 -27.38
C SER B 107 -21.45 16.24 -26.80
N GLU B 108 -21.35 17.24 -27.67
CA GLU B 108 -21.23 18.60 -27.17
C GLU B 108 -22.57 19.28 -26.98
N ASP B 109 -23.67 18.65 -27.39
CA ASP B 109 -25.00 19.23 -27.33
C ASP B 109 -25.90 18.27 -26.54
N VAL B 110 -26.02 18.48 -25.23
CA VAL B 110 -26.88 17.69 -24.37
C VAL B 110 -27.85 18.65 -23.68
N PRO B 111 -29.14 18.37 -23.65
CA PRO B 111 -30.08 19.28 -22.98
C PRO B 111 -29.77 19.49 -21.51
N MET B 112 -29.61 20.75 -21.12
CA MET B 112 -29.27 21.12 -19.76
C MET B 112 -29.83 22.50 -19.43
N VAL B 113 -30.08 22.72 -18.13
CA VAL B 113 -30.51 24.01 -17.61
C VAL B 113 -29.68 24.29 -16.36
N LEU B 114 -29.12 25.50 -16.27
CA LEU B 114 -28.42 25.93 -15.07
C LEU B 114 -29.42 26.51 -14.09
N VAL B 115 -29.36 26.04 -12.83
CA VAL B 115 -30.34 26.40 -11.81
C VAL B 115 -29.59 27.00 -10.63
N GLY B 116 -29.91 28.26 -10.32
CA GLY B 116 -29.37 28.94 -9.15
C GLY B 116 -30.41 28.99 -8.04
N ASN B 117 -30.27 28.08 -7.08
CA ASN B 117 -31.27 27.86 -6.05
C ASN B 117 -30.94 28.62 -4.77
N LYS B 118 -31.92 28.64 -3.86
CA LYS B 118 -31.84 29.36 -2.58
C LYS B 118 -31.86 30.88 -2.78
N SER B 119 -32.59 31.34 -3.81
CA SER B 119 -32.61 32.76 -4.13
CA SER B 119 -32.61 32.76 -4.13
C SER B 119 -33.30 33.59 -3.06
N ASP B 120 -34.00 32.95 -2.12
CA ASP B 120 -34.67 33.64 -1.03
C ASP B 120 -33.72 34.08 0.08
N LEU B 121 -32.46 33.56 0.10
CA LEU B 121 -31.62 33.78 1.26
C LEU B 121 -30.86 35.09 1.16
N PRO B 122 -30.51 35.68 2.29
CA PRO B 122 -29.79 36.97 2.30
C PRO B 122 -28.28 36.86 2.29
N SER B 123 -27.73 35.67 2.03
CA SER B 123 -26.31 35.37 2.20
C SER B 123 -25.60 35.10 0.88
N ARG B 124 -26.02 35.76 -0.20
CA ARG B 124 -25.53 35.47 -1.54
C ARG B 124 -24.01 35.62 -1.62
N THR B 125 -23.37 34.64 -2.29
CA THR B 125 -21.96 34.71 -2.64
C THR B 125 -21.70 34.59 -4.14
N VAL B 126 -22.68 34.19 -4.93
CA VAL B 126 -22.53 34.06 -6.38
C VAL B 126 -23.44 35.09 -7.03
N ASP B 127 -22.85 35.99 -7.81
CA ASP B 127 -23.62 37.02 -8.48
C ASP B 127 -24.43 36.42 -9.62
N THR B 128 -25.66 36.92 -9.78
CA THR B 128 -26.49 36.55 -10.92
C THR B 128 -25.76 36.70 -12.24
N LYS B 129 -24.97 37.77 -12.39
CA LYS B 129 -24.27 37.99 -13.65
C LYS B 129 -23.28 36.87 -13.93
N GLN B 130 -22.60 36.37 -12.89
CA GLN B 130 -21.68 35.25 -13.07
C GLN B 130 -22.40 34.04 -13.65
N ALA B 131 -23.57 33.72 -13.09
CA ALA B 131 -24.33 32.57 -13.56
C ALA B 131 -24.90 32.81 -14.95
N GLN B 132 -25.42 34.01 -15.22
CA GLN B 132 -25.91 34.29 -16.56
C GLN B 132 -24.80 34.15 -17.60
N ASP B 133 -23.61 34.64 -17.28
CA ASP B 133 -22.50 34.56 -18.21
C ASP B 133 -22.07 33.12 -18.44
N LEU B 134 -22.05 32.31 -17.38
CA LEU B 134 -21.70 30.91 -17.55
C LEU B 134 -22.72 30.21 -18.44
N ALA B 135 -24.01 30.42 -18.16
CA ALA B 135 -25.05 29.78 -18.97
C ALA B 135 -24.96 30.23 -20.42
N ARG B 136 -24.67 31.51 -20.65
CA ARG B 136 -24.51 31.98 -22.03
C ARG B 136 -23.34 31.30 -22.71
N SER B 137 -22.24 31.08 -21.98
CA SER B 137 -21.09 30.42 -22.57
C SER B 137 -21.42 29.00 -23.01
N TYR B 138 -22.36 28.34 -22.33
CA TYR B 138 -22.77 26.99 -22.66
C TYR B 138 -23.92 26.94 -23.66
N GLY B 139 -24.54 28.08 -23.94
CA GLY B 139 -25.74 28.15 -24.75
C GLY B 139 -26.94 27.48 -24.13
N ILE B 140 -27.13 27.61 -22.81
CA ILE B 140 -28.23 26.97 -22.10
C ILE B 140 -28.95 28.01 -21.25
N PRO B 141 -30.19 27.74 -20.86
CA PRO B 141 -30.91 28.67 -20.00
C PRO B 141 -30.36 28.67 -18.58
N PHE B 142 -30.55 29.81 -17.91
CA PHE B 142 -30.31 29.96 -16.47
C PHE B 142 -31.63 30.34 -15.81
N ILE B 143 -32.02 29.59 -14.78
CA ILE B 143 -33.25 29.84 -14.04
C ILE B 143 -32.89 30.05 -12.56
N GLU B 144 -33.37 31.15 -11.97
CA GLU B 144 -33.21 31.40 -10.55
C GLU B 144 -34.40 30.79 -9.81
N THR B 145 -34.10 29.99 -8.79
CA THR B 145 -35.15 29.29 -8.06
C THR B 145 -35.02 29.49 -6.56
N SER B 146 -36.16 29.30 -5.88
CA SER B 146 -36.17 29.04 -4.44
C SER B 146 -37.14 27.88 -4.20
N ALA B 147 -36.62 26.74 -3.76
CA ALA B 147 -37.51 25.67 -3.33
C ALA B 147 -38.35 26.08 -2.14
N LYS B 148 -37.89 27.05 -1.34
CA LYS B 148 -38.63 27.43 -0.15
C LYS B 148 -39.90 28.19 -0.52
N THR B 149 -39.79 29.19 -1.41
CA THR B 149 -40.95 29.98 -1.80
C THR B 149 -41.67 29.43 -3.03
N ARG B 150 -41.08 28.43 -3.68
CA ARG B 150 -41.53 27.83 -4.94
C ARG B 150 -41.18 28.66 -6.17
N GLN B 151 -40.50 29.79 -6.01
CA GLN B 151 -40.10 30.61 -7.16
C GLN B 151 -39.29 29.79 -8.15
N GLY B 152 -39.74 29.76 -9.41
CA GLY B 152 -38.95 29.20 -10.49
C GLY B 152 -38.93 27.69 -10.57
N VAL B 153 -39.61 26.99 -9.66
CA VAL B 153 -39.54 25.52 -9.63
C VAL B 153 -40.11 24.93 -10.91
N ASP B 154 -41.38 25.24 -11.23
CA ASP B 154 -41.94 24.74 -12.48
C ASP B 154 -41.11 25.21 -13.65
N ASP B 155 -40.67 26.47 -13.63
CA ASP B 155 -39.92 27.03 -14.74
C ASP B 155 -38.66 26.20 -15.02
N ALA B 156 -37.95 25.80 -13.96
CA ALA B 156 -36.73 25.04 -14.16
C ALA B 156 -37.00 23.72 -14.88
N PHE B 157 -37.97 22.94 -14.38
CA PHE B 157 -38.26 21.65 -14.99
C PHE B 157 -38.89 21.79 -16.38
N TYR B 158 -39.82 22.75 -16.54
CA TYR B 158 -40.47 22.90 -17.83
C TYR B 158 -39.50 23.40 -18.89
N THR B 159 -38.59 24.30 -18.49
CA THR B 159 -37.57 24.78 -19.42
C THR B 159 -36.67 23.63 -19.88
N LEU B 160 -36.31 22.72 -18.98
CA LEU B 160 -35.51 21.56 -19.37
C LEU B 160 -36.26 20.71 -20.39
N VAL B 161 -37.57 20.49 -20.17
CA VAL B 161 -38.36 19.76 -21.16
C VAL B 161 -38.31 20.48 -22.50
N ARG B 162 -38.44 21.81 -22.49
CA ARG B 162 -38.32 22.58 -23.73
C ARG B 162 -36.98 22.35 -24.42
N GLU B 163 -35.90 22.31 -23.63
CA GLU B 163 -34.56 22.08 -24.19
C GLU B 163 -34.46 20.69 -24.82
N ILE B 164 -35.06 19.69 -24.18
CA ILE B 164 -35.06 18.34 -24.79
C ILE B 164 -35.83 18.36 -26.09
N ARG B 165 -36.99 19.00 -26.09
CA ARG B 165 -37.82 19.01 -27.29
C ARG B 165 -37.11 19.75 -28.43
N LYS B 166 -36.39 20.82 -28.11
CA LYS B 166 -35.61 21.53 -29.12
C LYS B 166 -34.47 20.67 -29.64
N HIS B 167 -33.81 19.93 -28.75
CA HIS B 167 -32.72 19.06 -29.16
C HIS B 167 -33.20 17.98 -30.13
N LYS B 168 -34.40 17.43 -29.87
CA LYS B 168 -34.98 16.41 -30.75
C LYS B 168 -35.31 16.94 -32.14
N GLU B 169 -35.50 18.26 -32.31
CA GLU B 169 -35.76 18.79 -33.64
C GLU B 169 -34.52 18.80 -34.53
N LYS B 170 -33.33 18.71 -33.96
CA LYS B 170 -32.11 18.79 -34.75
C LYS B 170 -31.93 17.58 -35.68
N SER C 1 -7.93 -10.44 23.23
CA SER C 1 -8.83 -9.60 24.01
C SER C 1 -8.14 -9.11 25.27
N MET C 2 -6.82 -9.29 25.32
CA MET C 2 -6.03 -8.84 26.45
C MET C 2 -5.74 -7.34 26.41
N VAL C 3 -5.94 -6.67 25.28
CA VAL C 3 -5.58 -5.26 25.11
C VAL C 3 -6.76 -4.40 24.62
N ASN C 4 -7.53 -4.91 23.66
CA ASN C 4 -8.57 -4.13 23.01
C ASN C 4 -9.88 -4.23 23.78
N PRO C 5 -10.56 -3.11 24.00
CA PRO C 5 -11.84 -3.18 24.70
C PRO C 5 -12.93 -3.81 23.85
N THR C 6 -13.89 -4.39 24.53
CA THR C 6 -15.09 -4.92 23.90
C THR C 6 -16.28 -4.12 24.36
N VAL C 7 -17.11 -3.69 23.40
CA VAL C 7 -18.35 -3.00 23.73
C VAL C 7 -19.51 -3.76 23.09
N PHE C 8 -20.71 -3.50 23.60
CA PHE C 8 -21.90 -4.17 23.12
C PHE C 8 -22.99 -3.16 22.82
N PHE C 9 -23.82 -3.50 21.84
CA PHE C 9 -25.11 -2.86 21.59
C PHE C 9 -26.19 -3.92 21.73
N ASP C 10 -27.23 -3.62 22.50
CA ASP C 10 -28.47 -4.39 22.47
C ASP C 10 -29.40 -3.70 21.49
N ILE C 11 -29.65 -4.36 20.36
CA ILE C 11 -30.41 -3.81 19.25
C ILE C 11 -31.88 -4.12 19.45
N ALA C 12 -32.74 -3.14 19.14
CA ALA C 12 -34.17 -3.31 19.22
C ALA C 12 -34.81 -2.93 17.89
N VAL C 13 -35.95 -3.57 17.61
CA VAL C 13 -36.79 -3.31 16.45
C VAL C 13 -38.14 -2.85 16.99
N ASP C 14 -38.50 -1.60 16.74
CA ASP C 14 -39.69 -0.97 17.33
CA ASP C 14 -39.70 -0.99 17.32
C ASP C 14 -39.77 -1.27 18.83
N GLY C 15 -38.62 -1.16 19.51
CA GLY C 15 -38.53 -1.36 20.93
C GLY C 15 -38.36 -2.79 21.39
N GLU C 16 -38.57 -3.76 20.49
CA GLU C 16 -38.46 -5.15 20.94
C GLU C 16 -37.04 -5.64 20.77
N PRO C 17 -36.51 -6.35 21.76
CA PRO C 17 -35.11 -6.81 21.66
C PRO C 17 -34.93 -7.76 20.48
N LEU C 18 -33.94 -7.45 19.65
CA LEU C 18 -33.53 -8.32 18.57
C LEU C 18 -32.38 -9.21 19.01
N GLY C 19 -31.30 -8.62 19.51
CA GLY C 19 -30.17 -9.39 19.97
C GLY C 19 -29.01 -8.47 20.25
N ARG C 20 -27.89 -9.08 20.68
CA ARG C 20 -26.70 -8.34 21.09
C ARG C 20 -25.64 -8.44 20.01
N VAL C 21 -25.04 -7.30 19.67
CA VAL C 21 -23.84 -7.24 18.84
C VAL C 21 -22.70 -6.74 19.72
N SER C 22 -21.60 -7.49 19.74
CA SER C 22 -20.41 -7.03 20.45
C SER C 22 -19.32 -6.72 19.45
N PHE C 23 -18.45 -5.77 19.80
CA PHE C 23 -17.40 -5.29 18.92
C PHE C 23 -16.08 -5.30 19.67
N GLU C 24 -15.03 -5.77 19.01
CA GLU C 24 -13.67 -5.53 19.46
C GLU C 24 -13.22 -4.21 18.85
N LEU C 25 -12.74 -3.31 19.69
CA LEU C 25 -12.29 -2.00 19.23
C LEU C 25 -10.77 -2.02 19.21
N PHE C 26 -10.19 -1.71 18.05
CA PHE C 26 -8.76 -1.88 17.83
C PHE C 26 -7.96 -0.70 18.41
N ALA C 27 -8.02 -0.59 19.74
CA ALA C 27 -7.27 0.47 20.43
C ALA C 27 -5.78 0.29 20.24
N ASP C 28 -5.33 -0.95 20.06
CA ASP C 28 -3.91 -1.19 19.83
C ASP C 28 -3.37 -0.46 18.60
N LYS C 29 -4.18 -0.28 17.57
CA LYS C 29 -3.72 0.34 16.33
C LYS C 29 -4.38 1.68 16.04
N VAL C 30 -5.56 1.92 16.58
CA VAL C 30 -6.35 3.11 16.27
C VAL C 30 -6.87 3.68 17.58
N PRO C 31 -5.98 4.10 18.49
CA PRO C 31 -6.42 4.36 19.87
C PRO C 31 -7.40 5.52 20.02
N LYS C 32 -7.19 6.63 19.32
CA LYS C 32 -8.06 7.78 19.55
C LYS C 32 -9.47 7.51 19.07
N THR C 33 -9.58 6.84 17.91
CA THR C 33 -10.87 6.52 17.33
C THR C 33 -11.56 5.41 18.13
N ALA C 34 -10.82 4.40 18.57
CA ALA C 34 -11.40 3.37 19.41
C ALA C 34 -11.91 3.94 20.73
N GLU C 35 -11.14 4.86 21.34
CA GLU C 35 -11.53 5.43 22.62
C GLU C 35 -12.81 6.24 22.50
N ASN C 36 -12.95 7.02 21.40
CA ASN C 36 -14.19 7.74 21.17
C ASN C 36 -15.38 6.80 21.19
N PHE C 37 -15.31 5.71 20.40
CA PHE C 37 -16.43 4.78 20.30
C PHE C 37 -16.69 4.10 21.64
N ARG C 38 -15.63 3.73 22.35
CA ARG C 38 -15.80 3.12 23.68
C ARG C 38 -16.56 4.07 24.61
N ALA C 39 -16.11 5.33 24.71
CA ALA C 39 -16.74 6.26 25.64
C ALA C 39 -18.16 6.60 25.22
N LEU C 40 -18.44 6.70 23.91
CA LEU C 40 -19.82 6.93 23.49
C LEU C 40 -20.69 5.73 23.79
N SER C 41 -20.12 4.53 23.81
CA SER C 41 -20.88 3.33 24.15
C SER C 41 -21.17 3.22 25.64
N THR C 42 -20.27 3.69 26.52
CA THR C 42 -20.58 3.66 27.94
C THR C 42 -21.42 4.86 28.37
N GLY C 43 -21.40 5.94 27.61
CA GLY C 43 -22.07 7.16 28.01
C GLY C 43 -21.38 7.95 29.10
N GLU C 44 -20.13 7.61 29.42
CA GLU C 44 -19.47 8.16 30.60
C GLU C 44 -19.19 9.65 30.49
N LYS C 45 -19.22 10.24 29.30
CA LYS C 45 -19.07 11.68 29.15
C LYS C 45 -20.39 12.44 29.29
N GLY C 46 -21.50 11.74 29.49
CA GLY C 46 -22.80 12.38 29.58
C GLY C 46 -23.60 12.39 28.30
N PHE C 47 -23.12 11.73 27.25
CA PHE C 47 -23.81 11.62 25.97
C PHE C 47 -23.27 10.38 25.29
N GLY C 48 -23.97 9.93 24.26
CA GLY C 48 -23.50 8.77 23.53
C GLY C 48 -24.64 8.06 22.84
N TYR C 49 -24.36 6.79 22.51
CA TYR C 49 -25.18 6.04 21.56
C TYR C 49 -26.49 5.52 22.14
N LYS C 50 -26.62 5.35 23.45
CA LYS C 50 -27.80 4.69 24.00
C LYS C 50 -29.07 5.43 23.60
N GLY C 51 -30.00 4.72 22.95
CA GLY C 51 -31.26 5.27 22.49
C GLY C 51 -31.26 5.68 21.04
N SER C 52 -30.09 5.79 20.41
CA SER C 52 -30.03 6.30 19.06
C SER C 52 -30.31 5.17 18.05
N SER C 53 -30.47 5.55 16.79
CA SER C 53 -30.96 4.65 15.77
C SER C 53 -29.91 4.33 14.71
N PHE C 54 -30.12 3.21 14.04
CA PHE C 54 -29.45 2.91 12.76
C PHE C 54 -30.35 3.49 11.69
N HIS C 55 -30.00 4.69 11.21
CA HIS C 55 -30.89 5.46 10.35
C HIS C 55 -30.72 5.09 8.88
N ARG C 56 -29.59 4.51 8.48
CA ARG C 56 -29.33 4.23 7.09
C ARG C 56 -28.81 2.80 6.97
N ILE C 57 -29.64 1.92 6.40
CA ILE C 57 -29.31 0.50 6.25
C ILE C 57 -29.53 0.13 4.78
N ILE C 58 -28.47 -0.23 4.08
CA ILE C 58 -28.57 -0.59 2.67
C ILE C 58 -28.12 -2.03 2.50
N PRO C 59 -29.04 -2.94 2.22
CA PRO C 59 -28.67 -4.35 2.05
C PRO C 59 -27.57 -4.54 1.02
N GLY C 60 -26.61 -5.39 1.36
CA GLY C 60 -25.47 -5.64 0.52
C GLY C 60 -24.29 -4.75 0.83
N PHE C 61 -24.46 -3.75 1.69
CA PHE C 61 -23.40 -2.77 1.95
C PHE C 61 -23.13 -2.54 3.44
N MET C 62 -24.07 -1.96 4.17
CA MET C 62 -23.73 -1.57 5.54
C MET C 62 -24.97 -1.20 6.34
N CYS C 63 -24.78 -1.19 7.66
CA CYS C 63 -25.73 -0.63 8.61
C CYS C 63 -25.06 0.56 9.29
N GLN C 64 -25.64 1.76 9.15
CA GLN C 64 -25.05 3.00 9.62
C GLN C 64 -25.90 3.64 10.70
N GLY C 65 -25.26 4.14 11.76
CA GLY C 65 -25.97 4.79 12.84
C GLY C 65 -25.08 5.81 13.53
N GLY C 66 -25.48 6.20 14.73
CA GLY C 66 -24.65 7.04 15.58
C GLY C 66 -25.03 8.50 15.71
N ASP C 67 -26.16 8.94 15.16
CA ASP C 67 -26.56 10.34 15.29
C ASP C 67 -27.45 10.48 16.52
N PHE C 68 -26.84 10.89 17.64
CA PHE C 68 -27.58 11.10 18.87
C PHE C 68 -27.82 12.58 19.16
N THR C 69 -27.46 13.49 18.24
CA THR C 69 -27.66 14.92 18.48
C THR C 69 -28.79 15.50 17.65
N ARG C 70 -28.85 15.18 16.37
CA ARG C 70 -29.95 15.63 15.52
C ARG C 70 -31.00 14.56 15.28
N HIS C 71 -30.65 13.29 15.49
CA HIS C 71 -31.59 12.18 15.35
C HIS C 71 -32.16 12.09 13.94
N ASN C 72 -31.41 12.52 12.93
CA ASN C 72 -31.95 12.50 11.57
C ASN C 72 -30.91 12.12 10.53
N GLY C 73 -29.76 11.60 10.93
CA GLY C 73 -28.70 11.20 10.03
C GLY C 73 -27.71 12.29 9.66
N THR C 74 -27.89 13.51 10.16
CA THR C 74 -26.97 14.58 9.83
C THR C 74 -26.04 14.97 10.96
N GLY C 75 -26.28 14.48 12.19
CA GLY C 75 -25.58 14.95 13.35
C GLY C 75 -24.60 13.96 13.92
N GLY C 76 -24.31 14.12 15.21
CA GLY C 76 -23.32 13.41 15.97
C GLY C 76 -22.19 14.33 16.42
N LYS C 77 -21.43 13.83 17.40
CA LYS C 77 -20.31 14.57 17.95
C LYS C 77 -19.43 13.55 18.64
N SER C 78 -18.15 13.88 18.71
CA SER C 78 -17.17 13.02 19.34
C SER C 78 -16.91 13.47 20.76
N ILE C 79 -16.15 12.66 21.49
CA ILE C 79 -15.69 13.05 22.81
C ILE C 79 -14.64 14.14 22.77
N TYR C 80 -14.12 14.48 21.59
CA TYR C 80 -13.07 15.47 21.41
C TYR C 80 -13.59 16.80 20.87
N GLY C 81 -14.88 16.93 20.69
CA GLY C 81 -15.48 18.06 20.00
C GLY C 81 -16.36 17.59 18.86
N GLU C 82 -16.84 18.54 18.08
CA GLU C 82 -17.77 18.18 17.02
C GLU C 82 -17.15 17.23 16.00
N LYS C 83 -15.87 17.42 15.68
CA LYS C 83 -15.19 16.56 14.72
C LYS C 83 -13.75 16.31 15.16
N PHE C 84 -13.18 15.24 14.63
CA PHE C 84 -11.76 14.96 14.82
C PHE C 84 -11.14 14.40 13.56
N GLU C 85 -9.81 14.48 13.51
CA GLU C 85 -9.06 14.14 12.31
CA GLU C 85 -9.06 14.14 12.31
C GLU C 85 -9.07 12.63 12.06
N ASP C 86 -8.86 12.27 10.79
CA ASP C 86 -8.63 10.88 10.44
C ASP C 86 -7.32 10.40 11.06
N GLU C 87 -7.43 9.43 11.97
CA GLU C 87 -6.28 9.08 12.79
C GLU C 87 -5.23 8.32 12.00
N ASN C 88 -5.64 7.29 11.27
CA ASN C 88 -4.75 6.54 10.41
C ASN C 88 -5.62 5.70 9.48
N PHE C 89 -5.00 5.13 8.45
CA PHE C 89 -5.66 4.20 7.55
C PHE C 89 -4.97 2.85 7.55
N ILE C 90 -4.52 2.42 8.73
CA ILE C 90 -3.79 1.16 8.86
C ILE C 90 -4.68 -0.02 8.47
N LEU C 91 -5.93 0.01 8.89
CA LEU C 91 -6.85 -1.09 8.65
C LEU C 91 -7.77 -0.79 7.48
N LYS C 92 -8.20 -1.84 6.81
CA LYS C 92 -8.94 -1.74 5.56
C LYS C 92 -10.31 -2.39 5.71
N HIS C 93 -11.20 -2.08 4.76
CA HIS C 93 -12.57 -2.58 4.76
C HIS C 93 -12.58 -3.95 4.09
N THR C 94 -12.24 -4.97 4.85
CA THR C 94 -11.89 -6.25 4.27
C THR C 94 -13.07 -7.22 4.17
N GLY C 95 -14.21 -6.90 4.76
CA GLY C 95 -15.37 -7.78 4.67
C GLY C 95 -16.43 -7.52 5.74
N PRO C 96 -17.40 -8.43 5.81
CA PRO C 96 -18.51 -8.25 6.77
C PRO C 96 -18.00 -8.12 8.20
N GLY C 97 -18.68 -7.28 8.96
CA GLY C 97 -18.37 -7.07 10.35
C GLY C 97 -17.40 -5.94 10.66
N ILE C 98 -16.72 -5.40 9.64
CA ILE C 98 -15.80 -4.29 9.87
C ILE C 98 -16.59 -3.08 10.39
N LEU C 99 -16.04 -2.43 11.40
CA LEU C 99 -16.62 -1.24 12.02
C LEU C 99 -15.73 -0.04 11.68
N SER C 100 -16.33 0.99 11.09
CA SER C 100 -15.59 2.08 10.48
C SER C 100 -16.34 3.39 10.69
N MET C 101 -15.62 4.51 10.67
CA MET C 101 -16.24 5.81 10.92
C MET C 101 -16.91 6.34 9.65
N ALA C 102 -18.14 6.82 9.80
CA ALA C 102 -18.78 7.60 8.75
C ALA C 102 -18.19 9.01 8.77
N ASN C 103 -18.32 9.73 7.66
CA ASN C 103 -17.78 11.09 7.62
C ASN C 103 -18.38 11.84 6.46
N ALA C 104 -18.05 13.13 6.38
CA ALA C 104 -18.45 14.01 5.29
C ALA C 104 -17.22 14.56 4.58
N GLY C 105 -16.24 13.70 4.39
CA GLY C 105 -14.98 14.08 3.78
C GLY C 105 -13.85 14.06 4.79
N PRO C 106 -12.66 14.48 4.37
CA PRO C 106 -11.47 14.36 5.24
C PRO C 106 -11.64 15.04 6.59
N ASN C 107 -11.21 14.34 7.64
CA ASN C 107 -11.08 14.93 8.97
C ASN C 107 -12.41 15.44 9.53
N THR C 108 -13.47 14.64 9.35
CA THR C 108 -14.79 15.01 9.84
C THR C 108 -15.45 13.91 10.68
N ASN C 109 -14.65 13.10 11.35
CA ASN C 109 -15.19 12.06 12.24
C ASN C 109 -15.92 12.68 13.41
N GLY C 110 -17.08 12.10 13.74
CA GLY C 110 -17.87 12.58 14.87
C GLY C 110 -18.26 11.40 15.72
N SER C 111 -19.52 10.97 15.59
CA SER C 111 -20.01 9.76 16.22
C SER C 111 -20.59 8.75 15.25
N GLN C 112 -21.00 9.17 14.05
CA GLN C 112 -21.59 8.20 13.13
C GLN C 112 -20.56 7.19 12.69
N PHE C 113 -21.05 5.96 12.48
CA PHE C 113 -20.22 4.81 12.19
C PHE C 113 -21.04 3.88 11.31
N PHE C 114 -20.37 2.90 10.72
CA PHE C 114 -21.08 1.88 9.96
C PHE C 114 -20.45 0.52 10.20
N ILE C 115 -21.30 -0.49 10.09
CA ILE C 115 -20.91 -1.89 10.15
C ILE C 115 -21.05 -2.45 8.75
N CYS C 116 -19.95 -2.90 8.15
CA CYS C 116 -20.01 -3.45 6.81
C CYS C 116 -20.73 -4.80 6.83
N THR C 117 -21.52 -5.05 5.79
CA THR C 117 -22.08 -6.37 5.59
C THR C 117 -21.46 -7.07 4.38
N ALA C 118 -20.47 -6.43 3.77
CA ALA C 118 -19.71 -6.93 2.64
C ALA C 118 -18.40 -6.17 2.64
N LYS C 119 -17.44 -6.63 1.84
CA LYS C 119 -16.21 -5.89 1.62
C LYS C 119 -16.54 -4.57 0.92
N THR C 120 -15.99 -3.47 1.44
CA THR C 120 -16.22 -2.14 0.86
C THR C 120 -14.87 -1.45 0.62
N GLU C 121 -14.05 -2.06 -0.24
CA GLU C 121 -12.66 -1.62 -0.36
C GLU C 121 -12.52 -0.22 -0.96
N TRP C 122 -13.53 0.25 -1.70
CA TRP C 122 -13.45 1.61 -2.24
C TRP C 122 -13.46 2.66 -1.15
N LEU C 123 -13.74 2.29 0.10
CA LEU C 123 -13.69 3.21 1.24
C LEU C 123 -12.31 3.25 1.90
N ASP C 124 -11.41 2.35 1.51
CA ASP C 124 -10.09 2.30 2.11
C ASP C 124 -9.38 3.62 1.89
N GLY C 125 -8.74 4.14 2.93
CA GLY C 125 -8.03 5.38 2.84
C GLY C 125 -8.90 6.61 2.93
N LYS C 126 -10.21 6.43 3.04
CA LYS C 126 -11.15 7.52 3.18
C LYS C 126 -11.96 7.45 4.45
N HIS C 127 -12.20 6.26 4.98
CA HIS C 127 -12.90 6.06 6.24
C HIS C 127 -11.99 5.27 7.16
N VAL C 128 -11.92 5.70 8.42
CA VAL C 128 -11.05 5.08 9.41
C VAL C 128 -11.72 3.84 9.99
N VAL C 129 -11.12 2.69 9.73
CA VAL C 129 -11.54 1.41 10.28
C VAL C 129 -10.96 1.28 11.69
N PHE C 130 -11.79 0.89 12.66
CA PHE C 130 -11.30 0.86 14.02
C PHE C 130 -11.83 -0.29 14.87
N GLY C 131 -12.60 -1.21 14.30
CA GLY C 131 -13.07 -2.33 15.09
C GLY C 131 -13.70 -3.38 14.21
N LYS C 132 -14.28 -4.38 14.86
CA LYS C 132 -14.93 -5.46 14.13
C LYS C 132 -15.94 -6.14 15.04
N VAL C 133 -17.07 -6.55 14.45
CA VAL C 133 -18.03 -7.39 15.16
C VAL C 133 -17.32 -8.63 15.70
N LYS C 134 -17.52 -8.88 17.00
CA LYS C 134 -16.99 -10.05 17.67
C LYS C 134 -18.07 -11.12 17.75
N GLU C 135 -19.15 -10.84 18.46
CA GLU C 135 -20.32 -11.71 18.49
C GLU C 135 -21.53 -10.98 17.94
N GLY C 136 -22.45 -11.75 17.37
CA GLY C 136 -23.70 -11.20 16.91
C GLY C 136 -23.76 -10.79 15.46
N MET C 137 -22.88 -11.32 14.61
CA MET C 137 -23.04 -11.03 13.19
C MET C 137 -24.41 -11.46 12.67
N ASN C 138 -24.98 -12.52 13.24
CA ASN C 138 -26.34 -12.90 12.85
C ASN C 138 -27.34 -11.79 13.13
N ILE C 139 -27.13 -11.02 14.21
CA ILE C 139 -28.00 -9.90 14.52
C ILE C 139 -27.84 -8.77 13.51
N VAL C 140 -26.60 -8.50 13.11
CA VAL C 140 -26.36 -7.50 12.05
C VAL C 140 -27.06 -7.92 10.76
N GLU C 141 -26.98 -9.21 10.42
CA GLU C 141 -27.64 -9.70 9.22
C GLU C 141 -29.15 -9.53 9.32
N ALA C 142 -29.70 -9.74 10.51
CA ALA C 142 -31.13 -9.52 10.73
C ALA C 142 -31.50 -8.04 10.58
N MET C 143 -30.65 -7.14 11.09
CA MET C 143 -30.89 -5.70 10.95
C MET C 143 -30.90 -5.28 9.50
N GLU C 144 -29.96 -5.84 8.73
CA GLU C 144 -29.78 -5.44 7.34
C GLU C 144 -31.07 -5.61 6.54
N ARG C 145 -31.91 -6.57 6.93
CA ARG C 145 -33.14 -6.87 6.21
C ARG C 145 -34.22 -5.81 6.41
N PHE C 146 -34.07 -4.94 7.41
CA PHE C 146 -35.00 -3.83 7.61
C PHE C 146 -34.62 -2.59 6.79
N GLY C 147 -33.54 -2.64 6.02
CA GLY C 147 -33.13 -1.53 5.19
C GLY C 147 -33.75 -1.59 3.81
N SER C 148 -33.25 -0.73 2.94
CA SER C 148 -33.74 -0.64 1.57
C SER C 148 -32.67 0.01 0.71
N ARG C 149 -32.96 0.13 -0.58
CA ARG C 149 -31.98 0.60 -1.56
C ARG C 149 -31.56 2.05 -1.30
N ASN C 150 -32.45 2.87 -0.75
CA ASN C 150 -32.09 4.25 -0.42
C ASN C 150 -31.75 4.44 1.05
N GLY C 151 -31.62 3.35 1.81
CA GLY C 151 -31.22 3.41 3.20
C GLY C 151 -32.33 3.52 4.21
N LYS C 152 -33.54 3.88 3.80
CA LYS C 152 -34.62 4.05 4.76
C LYS C 152 -34.99 2.70 5.37
N THR C 153 -35.24 2.70 6.66
CA THR C 153 -35.61 1.48 7.37
C THR C 153 -37.13 1.37 7.53
N SER C 154 -37.63 0.13 7.48
CA SER C 154 -39.06 -0.11 7.50
C SER C 154 -39.62 -0.18 8.91
N LYS C 155 -38.76 -0.36 9.90
CA LYS C 155 -39.09 -0.24 11.31
C LYS C 155 -37.90 0.43 11.96
N LYS C 156 -38.12 1.02 13.14
CA LYS C 156 -37.08 1.78 13.81
C LYS C 156 -36.11 0.83 14.49
N ILE C 157 -34.84 0.89 14.08
CA ILE C 157 -33.79 0.02 14.60
C ILE C 157 -32.97 0.86 15.58
N THR C 158 -32.99 0.53 16.87
CA THR C 158 -32.31 1.36 17.86
C THR C 158 -31.30 0.58 18.68
N ILE C 159 -30.39 1.35 19.29
CA ILE C 159 -29.46 0.85 20.29
C ILE C 159 -30.17 1.02 21.63
N ALA C 160 -30.90 -0.02 22.03
CA ALA C 160 -31.69 0.07 23.25
C ALA C 160 -30.81 0.16 24.49
N ASP C 161 -29.65 -0.50 24.48
CA ASP C 161 -28.68 -0.43 25.56
C ASP C 161 -27.31 -0.63 24.93
N CYS C 162 -26.30 -0.13 25.62
CA CYS C 162 -24.93 -0.31 25.15
C CYS C 162 -23.98 -0.07 26.31
N GLY C 163 -22.78 -0.61 26.19
CA GLY C 163 -21.80 -0.44 27.25
C GLY C 163 -20.56 -1.24 26.94
N GLN C 164 -19.72 -1.37 27.96
CA GLN C 164 -18.45 -2.05 27.82
C GLN C 164 -18.48 -3.35 28.60
N LEU C 165 -17.94 -4.41 27.98
CA LEU C 165 -17.82 -5.72 28.63
C LEU C 165 -16.44 -5.84 29.24
N MET D 2 31.91 22.69 -18.70
CA MET D 2 31.29 22.92 -17.40
C MET D 2 30.02 22.09 -17.24
N VAL D 3 29.33 21.80 -18.35
CA VAL D 3 28.14 20.97 -18.29
C VAL D 3 28.51 19.53 -17.94
N ASN D 4 27.75 18.93 -17.03
CA ASN D 4 28.01 17.54 -16.66
C ASN D 4 27.88 16.63 -17.88
N PRO D 5 28.75 15.63 -18.01
CA PRO D 5 28.65 14.71 -19.14
C PRO D 5 27.46 13.78 -19.00
N THR D 6 26.98 13.27 -20.14
N THR D 6 27.01 13.28 -20.15
CA THR D 6 25.95 12.25 -20.14
CA THR D 6 25.94 12.29 -20.25
C THR D 6 26.40 11.06 -20.95
C THR D 6 26.49 11.04 -20.94
N VAL D 7 26.13 9.94 -20.38
CA VAL D 7 26.52 8.65 -21.04
C VAL D 7 25.24 7.83 -21.29
N PHE D 8 25.31 6.86 -22.19
CA PHE D 8 24.10 6.04 -22.53
C PHE D 8 24.42 4.56 -22.39
N PHE D 9 23.40 3.76 -22.06
CA PHE D 9 23.55 2.29 -21.98
C PHE D 9 22.48 1.67 -22.86
N ASP D 10 22.88 0.93 -23.90
CA ASP D 10 21.87 0.20 -24.72
C ASP D 10 21.65 -1.16 -24.05
N ILE D 11 20.50 -1.35 -23.40
CA ILE D 11 20.27 -2.60 -22.62
C ILE D 11 19.70 -3.71 -23.52
N ALA D 12 20.18 -4.95 -23.34
CA ALA D 12 19.66 -6.08 -24.08
C ALA D 12 19.23 -7.19 -23.12
N VAL D 13 18.28 -8.00 -23.59
CA VAL D 13 17.75 -9.14 -22.85
C VAL D 13 18.04 -10.35 -23.73
N ASP D 14 18.93 -11.25 -23.27
CA ASP D 14 19.41 -12.36 -24.08
C ASP D 14 19.79 -11.90 -25.48
N GLY D 15 20.41 -10.73 -25.56
CA GLY D 15 20.91 -10.20 -26.81
C GLY D 15 19.92 -9.36 -27.60
N GLU D 16 18.64 -9.37 -27.24
CA GLU D 16 17.66 -8.58 -27.98
C GLU D 16 17.51 -7.21 -27.33
N PRO D 17 17.42 -6.13 -28.13
CA PRO D 17 17.36 -4.79 -27.52
C PRO D 17 16.16 -4.64 -26.62
N LEU D 18 16.38 -4.05 -25.46
CA LEU D 18 15.33 -3.67 -24.53
C LEU D 18 15.03 -2.18 -24.66
N GLY D 19 16.06 -1.34 -24.49
CA GLY D 19 15.94 0.09 -24.66
C GLY D 19 17.18 0.76 -24.14
N ARG D 20 17.18 2.08 -24.24
CA ARG D 20 18.32 2.89 -23.83
C ARG D 20 18.05 3.57 -22.48
N VAL D 21 19.07 3.58 -21.62
CA VAL D 21 19.08 4.40 -20.42
C VAL D 21 20.23 5.38 -20.55
N SER D 22 19.96 6.67 -20.33
CA SER D 22 21.03 7.65 -20.26
C SER D 22 21.16 8.18 -18.83
N PHE D 23 22.36 8.68 -18.51
CA PHE D 23 22.69 9.12 -17.16
C PHE D 23 23.39 10.48 -17.23
N GLU D 24 23.03 11.36 -16.32
CA GLU D 24 23.84 12.54 -16.03
C GLU D 24 24.88 12.16 -14.97
N LEU D 25 26.15 12.44 -15.24
CA LEU D 25 27.22 12.16 -14.29
C LEU D 25 27.62 13.46 -13.61
N PHE D 26 27.64 13.46 -12.28
CA PHE D 26 27.82 14.71 -11.54
C PHE D 26 29.31 15.03 -11.41
N ALA D 27 29.95 15.28 -12.56
CA ALA D 27 31.35 15.69 -12.57
C ALA D 27 31.55 16.95 -11.74
N ASP D 28 30.54 17.81 -11.66
CA ASP D 28 30.64 19.07 -10.93
C ASP D 28 30.90 18.85 -9.45
N LYS D 29 30.34 17.81 -8.85
CA LYS D 29 30.46 17.60 -7.42
C LYS D 29 31.20 16.34 -7.02
N VAL D 30 31.33 15.36 -7.91
CA VAL D 30 31.98 14.09 -7.63
C VAL D 30 32.91 13.76 -8.80
N PRO D 31 33.92 14.61 -9.09
CA PRO D 31 34.61 14.49 -10.39
C PRO D 31 35.38 13.19 -10.61
N LYS D 32 36.08 12.67 -9.61
CA LYS D 32 36.88 11.46 -9.84
C LYS D 32 35.99 10.26 -10.10
N THR D 33 34.90 10.16 -9.34
CA THR D 33 33.97 9.05 -9.49
C THR D 33 33.19 9.16 -10.79
N ALA D 34 32.79 10.37 -11.15
CA ALA D 34 32.09 10.54 -12.42
C ALA D 34 33.00 10.21 -13.60
N GLU D 35 34.27 10.64 -13.53
CA GLU D 35 35.20 10.38 -14.64
C GLU D 35 35.47 8.89 -14.82
N ASN D 36 35.57 8.14 -13.71
CA ASN D 36 35.70 6.69 -13.82
C ASN D 36 34.55 6.09 -14.62
N PHE D 37 33.31 6.44 -14.26
CA PHE D 37 32.16 5.85 -14.94
C PHE D 37 32.10 6.29 -16.39
N ARG D 38 32.42 7.56 -16.65
CA ARG D 38 32.43 8.07 -18.02
C ARG D 38 33.40 7.26 -18.88
N ALA D 39 34.64 7.09 -18.40
CA ALA D 39 35.65 6.43 -19.20
C ALA D 39 35.33 4.95 -19.35
N LEU D 40 34.79 4.31 -18.31
CA LEU D 40 34.37 2.92 -18.43
C LEU D 40 33.24 2.77 -19.44
N SER D 41 32.40 3.81 -19.60
CA SER D 41 31.30 3.75 -20.55
C SER D 41 31.77 3.95 -21.99
N THR D 42 32.82 4.73 -22.23
CA THR D 42 33.31 4.86 -23.60
C THR D 42 34.27 3.76 -23.98
N GLY D 43 34.84 3.06 -22.99
CA GLY D 43 35.86 2.07 -23.26
C GLY D 43 37.22 2.60 -23.65
N GLU D 44 37.45 3.91 -23.50
CA GLU D 44 38.65 4.56 -24.03
C GLU D 44 39.95 4.08 -23.38
N LYS D 45 39.90 3.44 -22.21
CA LYS D 45 41.12 2.91 -21.61
C LYS D 45 41.42 1.50 -22.09
N GLY D 46 40.60 0.93 -22.95
CA GLY D 46 40.77 -0.44 -23.40
C GLY D 46 40.00 -1.47 -22.61
N PHE D 47 39.17 -1.04 -21.68
CA PHE D 47 38.30 -1.93 -20.91
C PHE D 47 37.09 -1.11 -20.47
N GLY D 48 36.03 -1.80 -20.05
CA GLY D 48 34.89 -1.06 -19.53
C GLY D 48 33.60 -1.87 -19.63
N TYR D 49 32.48 -1.14 -19.58
CA TYR D 49 31.18 -1.77 -19.34
C TYR D 49 30.63 -2.54 -20.54
N LYS D 50 31.04 -2.24 -21.77
CA LYS D 50 30.35 -2.81 -22.91
C LYS D 50 30.43 -4.33 -22.87
N GLY D 51 29.27 -4.98 -22.99
CA GLY D 51 29.16 -6.42 -22.96
C GLY D 51 28.86 -7.00 -21.60
N SER D 52 29.08 -6.22 -20.54
CA SER D 52 28.91 -6.73 -19.18
C SER D 52 27.42 -6.77 -18.79
N SER D 53 27.13 -7.47 -17.69
CA SER D 53 25.76 -7.75 -17.31
C SER D 53 25.31 -6.96 -16.08
N PHE D 54 23.99 -6.84 -15.94
CA PHE D 54 23.37 -6.50 -14.66
C PHE D 54 23.12 -7.81 -13.95
N HIS D 55 24.06 -8.19 -13.07
CA HIS D 55 24.03 -9.52 -12.49
C HIS D 55 23.14 -9.64 -11.28
N ARG D 56 22.81 -8.54 -10.62
CA ARG D 56 22.06 -8.57 -9.36
C ARG D 56 20.96 -7.53 -9.45
N ILE D 57 19.72 -7.99 -9.55
CA ILE D 57 18.56 -7.11 -9.67
C ILE D 57 17.56 -7.56 -8.62
N ILE D 58 17.24 -6.68 -7.69
CA ILE D 58 16.30 -7.00 -6.61
C ILE D 58 15.13 -6.01 -6.66
N PRO D 59 13.95 -6.46 -7.05
CA PRO D 59 12.78 -5.57 -7.13
C PRO D 59 12.52 -4.85 -5.81
N GLY D 60 12.23 -3.56 -5.93
CA GLY D 60 12.04 -2.70 -4.77
C GLY D 60 13.29 -2.01 -4.31
N PHE D 61 14.44 -2.37 -4.86
CA PHE D 61 15.71 -1.86 -4.37
C PHE D 61 16.63 -1.31 -5.46
N MET D 62 17.19 -2.17 -6.32
CA MET D 62 18.18 -1.66 -7.26
C MET D 62 18.45 -2.65 -8.38
N CYS D 63 19.09 -2.13 -9.43
CA CYS D 63 19.71 -2.92 -10.49
C CYS D 63 21.21 -2.68 -10.41
N GLN D 64 21.98 -3.74 -10.22
CA GLN D 64 23.42 -3.65 -10.02
C GLN D 64 24.16 -4.38 -11.13
N GLY D 65 25.25 -3.76 -11.61
CA GLY D 65 26.03 -4.34 -12.69
C GLY D 65 27.47 -3.86 -12.66
N GLY D 66 28.19 -4.11 -13.74
CA GLY D 66 29.50 -3.53 -13.94
C GLY D 66 30.70 -4.46 -13.76
N ASP D 67 30.51 -5.77 -13.60
CA ASP D 67 31.65 -6.68 -13.48
C ASP D 67 32.07 -7.13 -14.88
N PHE D 68 33.04 -6.42 -15.46
CA PHE D 68 33.57 -6.77 -16.77
C PHE D 68 34.87 -7.55 -16.71
N THR D 69 35.36 -7.88 -15.52
CA THR D 69 36.64 -8.60 -15.42
C THR D 69 36.47 -10.07 -15.10
N ARG D 70 35.52 -10.42 -14.23
CA ARG D 70 35.29 -11.80 -13.84
C ARG D 70 33.96 -12.33 -14.34
N HIS D 71 33.02 -11.45 -14.70
CA HIS D 71 31.74 -11.86 -15.27
C HIS D 71 30.93 -12.72 -14.30
N ASN D 72 31.09 -12.49 -13.00
CA ASN D 72 30.44 -13.35 -12.01
C ASN D 72 29.96 -12.59 -10.79
N GLY D 73 29.97 -11.26 -10.81
CA GLY D 73 29.51 -10.46 -9.70
C GLY D 73 30.55 -10.12 -8.68
N THR D 74 31.78 -10.62 -8.81
CA THR D 74 32.82 -10.36 -7.82
C THR D 74 33.88 -9.40 -8.31
N GLY D 75 33.92 -9.09 -9.60
CA GLY D 75 35.04 -8.36 -10.20
C GLY D 75 34.72 -6.92 -10.58
N GLY D 76 35.43 -6.44 -11.60
CA GLY D 76 35.50 -5.05 -11.98
C GLY D 76 36.76 -4.36 -11.47
N LYS D 77 37.05 -3.21 -12.08
CA LYS D 77 38.24 -2.42 -11.74
C LYS D 77 37.98 -1.00 -12.23
N SER D 78 38.65 -0.05 -11.59
CA SER D 78 38.49 1.36 -11.99
C SER D 78 39.58 1.73 -12.97
N ILE D 79 39.45 2.96 -13.50
CA ILE D 79 40.51 3.53 -14.33
C ILE D 79 41.73 3.94 -13.52
N TYR D 80 41.65 3.89 -12.19
CA TYR D 80 42.72 4.33 -11.31
C TYR D 80 43.46 3.18 -10.66
N GLY D 81 43.11 1.96 -10.98
CA GLY D 81 43.59 0.79 -10.30
C GLY D 81 42.43 -0.09 -9.94
N GLU D 82 42.72 -1.14 -9.17
CA GLU D 82 41.64 -2.07 -8.80
C GLU D 82 40.57 -1.38 -7.97
N LYS D 83 40.97 -0.48 -7.08
CA LYS D 83 40.02 0.21 -6.23
C LYS D 83 40.43 1.66 -6.04
N PHE D 84 39.47 2.51 -5.68
CA PHE D 84 39.78 3.88 -5.31
C PHE D 84 38.91 4.32 -4.14
N GLU D 85 39.35 5.40 -3.47
CA GLU D 85 38.73 5.79 -2.21
C GLU D 85 37.36 6.42 -2.44
N ASP D 86 36.56 6.42 -1.37
CA ASP D 86 35.30 7.14 -1.40
C ASP D 86 35.57 8.64 -1.50
N GLU D 87 35.07 9.26 -2.55
CA GLU D 87 35.45 10.63 -2.87
C GLU D 87 34.78 11.64 -1.93
N ASN D 88 33.46 11.54 -1.79
CA ASN D 88 32.70 12.33 -0.84
C ASN D 88 31.34 11.67 -0.72
N PHE D 89 30.56 12.15 0.24
CA PHE D 89 29.20 11.67 0.45
C PHE D 89 28.21 12.83 0.41
N ILE D 90 28.48 13.79 -0.47
CA ILE D 90 27.60 14.97 -0.59
C ILE D 90 26.19 14.54 -0.95
N LEU D 91 26.05 13.67 -1.96
CA LEU D 91 24.77 13.31 -2.51
C LEU D 91 24.22 12.04 -1.88
N LYS D 92 22.90 11.96 -1.81
CA LYS D 92 22.22 10.90 -1.07
C LYS D 92 21.37 10.05 -2.01
N HIS D 93 20.95 8.89 -1.49
CA HIS D 93 20.15 7.92 -2.25
C HIS D 93 18.69 8.30 -2.07
N THR D 94 18.28 9.32 -2.83
CA THR D 94 17.03 10.03 -2.60
C THR D 94 15.81 9.39 -3.25
N GLY D 95 15.98 8.49 -4.22
CA GLY D 95 14.85 7.87 -4.87
C GLY D 95 15.22 7.16 -6.15
N PRO D 96 14.20 6.77 -6.92
CA PRO D 96 14.48 6.02 -8.15
C PRO D 96 15.36 6.78 -9.12
N GLY D 97 16.30 6.06 -9.72
CA GLY D 97 17.16 6.60 -10.75
C GLY D 97 18.52 7.07 -10.26
N ILE D 98 18.75 7.12 -8.95
CA ILE D 98 20.07 7.50 -8.45
C ILE D 98 21.10 6.45 -8.84
N LEU D 99 22.27 6.93 -9.28
CA LEU D 99 23.37 6.10 -9.70
C LEU D 99 24.49 6.20 -8.66
N SER D 100 24.92 5.06 -8.14
CA SER D 100 25.81 5.03 -6.97
C SER D 100 26.79 3.88 -7.11
N MET D 101 27.94 3.99 -6.42
CA MET D 101 28.96 2.96 -6.50
C MET D 101 28.67 1.79 -5.58
N ALA D 102 28.79 0.58 -6.12
CA ALA D 102 28.82 -0.60 -5.27
C ALA D 102 30.19 -0.70 -4.61
N ASN D 103 30.27 -1.44 -3.51
CA ASN D 103 31.56 -1.58 -2.84
C ASN D 103 31.54 -2.77 -1.89
N ALA D 104 32.70 -3.06 -1.33
CA ALA D 104 32.85 -4.10 -0.32
C ALA D 104 33.41 -3.51 0.97
N GLY D 105 32.89 -2.34 1.34
CA GLY D 105 33.38 -1.64 2.50
C GLY D 105 34.06 -0.34 2.13
N PRO D 106 34.61 0.37 3.11
CA PRO D 106 35.22 1.68 2.83
C PRO D 106 36.31 1.63 1.77
N ASN D 107 36.27 2.61 0.87
CA ASN D 107 37.38 2.84 -0.06
C ASN D 107 37.65 1.64 -0.97
N THR D 108 36.59 1.03 -1.48
CA THR D 108 36.73 -0.14 -2.35
C THR D 108 35.96 0.03 -3.65
N ASN D 109 35.84 1.26 -4.13
CA ASN D 109 35.17 1.50 -5.41
C ASN D 109 35.97 0.93 -6.56
N GLY D 110 35.28 0.23 -7.47
CA GLY D 110 35.95 -0.32 -8.64
C GLY D 110 35.20 0.10 -9.88
N SER D 111 34.44 -0.82 -10.46
CA SER D 111 33.54 -0.51 -11.56
C SER D 111 32.08 -0.83 -11.26
N GLN D 112 31.80 -1.71 -10.31
CA GLN D 112 30.41 -2.07 -10.05
C GLN D 112 29.64 -0.87 -9.53
N PHE D 113 28.39 -0.79 -9.94
CA PHE D 113 27.52 0.34 -9.64
C PHE D 113 26.10 -0.20 -9.51
N PHE D 114 25.21 0.65 -9.01
CA PHE D 114 23.81 0.29 -8.95
C PHE D 114 22.94 1.50 -9.27
N ILE D 115 21.77 1.20 -9.82
CA ILE D 115 20.74 2.17 -10.11
C ILE D 115 19.61 1.92 -9.13
N CYS D 116 19.33 2.88 -8.27
CA CYS D 116 18.24 2.74 -7.31
C CYS D 116 16.91 2.69 -8.03
N THR D 117 16.03 1.80 -7.57
CA THR D 117 14.65 1.82 -8.02
C THR D 117 13.70 2.33 -6.95
N ALA D 118 14.25 2.72 -5.80
CA ALA D 118 13.53 3.33 -4.69
C ALA D 118 14.55 4.09 -3.86
N LYS D 119 14.07 4.89 -2.92
CA LYS D 119 14.96 5.49 -1.94
C LYS D 119 15.67 4.39 -1.15
N THR D 120 17.00 4.51 -1.02
CA THR D 120 17.80 3.55 -0.25
C THR D 120 18.69 4.32 0.75
N GLU D 121 18.05 5.04 1.67
CA GLU D 121 18.75 6.00 2.51
C GLU D 121 19.73 5.37 3.49
N TRP D 122 19.55 4.09 3.81
CA TRP D 122 20.51 3.43 4.69
C TRP D 122 21.87 3.29 4.06
N LEU D 123 22.00 3.51 2.75
CA LEU D 123 23.30 3.50 2.09
C LEU D 123 23.98 4.86 2.10
N ASP D 124 23.28 5.91 2.53
CA ASP D 124 23.88 7.23 2.57
C ASP D 124 25.09 7.23 3.48
N GLY D 125 26.17 7.86 3.04
CA GLY D 125 27.39 7.90 3.81
C GLY D 125 28.25 6.67 3.68
N LYS D 126 27.80 5.66 2.94
CA LYS D 126 28.54 4.42 2.74
C LYS D 126 28.81 4.12 1.28
N HIS D 127 27.95 4.55 0.37
CA HIS D 127 28.12 4.39 -1.06
C HIS D 127 28.10 5.77 -1.70
N VAL D 128 29.04 6.01 -2.61
CA VAL D 128 29.22 7.30 -3.26
C VAL D 128 28.22 7.44 -4.42
N VAL D 129 27.29 8.38 -4.26
CA VAL D 129 26.35 8.73 -5.32
C VAL D 129 27.02 9.71 -6.27
N PHE D 130 26.91 9.46 -7.58
CA PHE D 130 27.66 10.27 -8.54
C PHE D 130 26.89 10.56 -9.83
N GLY D 131 25.63 10.18 -9.93
CA GLY D 131 24.87 10.48 -11.13
C GLY D 131 23.42 10.11 -10.95
N LYS D 132 22.67 10.24 -12.04
CA LYS D 132 21.27 9.82 -12.01
C LYS D 132 20.83 9.51 -13.43
N VAL D 133 19.79 8.68 -13.53
CA VAL D 133 19.13 8.42 -14.80
C VAL D 133 18.55 9.72 -15.33
N LYS D 134 18.81 9.99 -16.61
CA LYS D 134 18.25 11.13 -17.32
C LYS D 134 17.03 10.61 -18.08
N GLU D 135 17.24 9.88 -19.17
CA GLU D 135 16.14 9.27 -19.90
C GLU D 135 16.17 7.76 -19.70
N GLY D 136 15.00 7.14 -19.77
CA GLY D 136 14.89 5.70 -19.72
C GLY D 136 14.57 5.08 -18.37
N MET D 137 14.01 5.83 -17.44
CA MET D 137 13.57 5.16 -16.21
C MET D 137 12.60 4.03 -16.51
N ASN D 138 11.80 4.14 -17.58
CA ASN D 138 10.91 3.04 -17.93
C ASN D 138 11.69 1.80 -18.33
N ILE D 139 12.89 1.98 -18.88
CA ILE D 139 13.73 0.82 -19.21
C ILE D 139 14.29 0.22 -17.94
N VAL D 140 14.68 1.06 -16.98
CA VAL D 140 15.11 0.57 -15.67
C VAL D 140 14.00 -0.21 -14.99
N GLU D 141 12.77 0.30 -15.03
CA GLU D 141 11.64 -0.43 -14.45
C GLU D 141 11.45 -1.79 -15.12
N ALA D 142 11.69 -1.87 -16.42
CA ALA D 142 11.62 -3.15 -17.11
C ALA D 142 12.72 -4.09 -16.65
N MET D 143 13.96 -3.59 -16.55
CA MET D 143 15.07 -4.41 -16.05
C MET D 143 14.72 -4.97 -14.68
N GLU D 144 14.11 -4.15 -13.84
CA GLU D 144 13.78 -4.56 -12.48
C GLU D 144 12.88 -5.79 -12.49
N ARG D 145 12.01 -5.92 -13.49
CA ARG D 145 11.10 -7.05 -13.57
C ARG D 145 11.79 -8.37 -13.86
N PHE D 146 13.04 -8.36 -14.32
CA PHE D 146 13.78 -9.60 -14.51
C PHE D 146 14.49 -10.07 -13.24
N GLY D 147 14.44 -9.28 -12.17
CA GLY D 147 15.08 -9.63 -10.92
C GLY D 147 14.24 -10.53 -10.04
N SER D 148 14.76 -10.74 -8.84
CA SER D 148 14.12 -11.63 -7.88
C SER D 148 14.70 -11.31 -6.52
N ARG D 149 14.14 -11.98 -5.50
CA ARG D 149 14.46 -11.66 -4.12
C ARG D 149 15.94 -11.89 -3.80
N ASN D 150 16.61 -12.85 -4.44
CA ASN D 150 18.03 -13.08 -4.21
C ASN D 150 18.92 -12.45 -5.26
N GLY D 151 18.35 -11.65 -6.15
CA GLY D 151 19.10 -10.90 -7.13
C GLY D 151 19.31 -11.61 -8.46
N LYS D 152 19.07 -12.92 -8.53
CA LYS D 152 19.28 -13.64 -9.78
C LYS D 152 18.26 -13.18 -10.81
N THR D 153 18.71 -13.04 -12.04
CA THR D 153 17.87 -12.58 -13.13
C THR D 153 17.33 -13.74 -13.95
N SER D 154 16.14 -13.54 -14.49
CA SER D 154 15.45 -14.62 -15.18
C SER D 154 15.88 -14.73 -16.64
N LYS D 155 16.46 -13.67 -17.20
CA LYS D 155 17.17 -13.67 -18.46
C LYS D 155 18.43 -12.84 -18.29
N LYS D 156 19.35 -12.94 -19.25
CA LYS D 156 20.62 -12.23 -19.17
CA LYS D 156 20.63 -12.22 -19.19
C LYS D 156 20.44 -10.78 -19.60
N ILE D 157 20.69 -9.85 -18.69
CA ILE D 157 20.50 -8.43 -18.92
C ILE D 157 21.87 -7.81 -19.11
N THR D 158 22.15 -7.30 -20.30
CA THR D 158 23.49 -6.82 -20.59
C THR D 158 23.50 -5.41 -21.14
N ILE D 159 24.68 -4.81 -21.05
CA ILE D 159 24.97 -3.52 -21.67
C ILE D 159 25.50 -3.85 -23.07
N ALA D 160 24.60 -3.93 -24.05
CA ALA D 160 25.00 -4.31 -25.39
C ALA D 160 25.87 -3.24 -26.05
N ASP D 161 25.61 -1.97 -25.75
CA ASP D 161 26.45 -0.89 -26.23
C ASP D 161 26.41 0.20 -25.17
N CYS D 162 27.42 1.05 -25.17
CA CYS D 162 27.47 2.16 -24.23
C CYS D 162 28.47 3.17 -24.75
N GLY D 163 28.32 4.41 -24.29
CA GLY D 163 29.18 5.47 -24.78
C GLY D 163 28.79 6.80 -24.18
N GLN D 164 29.43 7.85 -24.67
CA GLN D 164 29.18 9.20 -24.20
C GLN D 164 28.38 9.96 -25.24
N LEU D 165 27.37 10.68 -24.78
CA LEU D 165 26.58 11.54 -25.67
C LEU D 165 27.22 12.91 -25.78
N GLU D 166 26.93 13.59 -26.88
CA GLU D 166 27.45 14.94 -27.07
C GLU D 166 26.89 15.92 -26.03
#